data_5OPJ
#
_entry.id   5OPJ
#
_cell.length_a   96.210
_cell.length_b   96.210
_cell.length_c   187.840
_cell.angle_alpha   90.00
_cell.angle_beta   90.00
_cell.angle_gamma   90.00
#
_symmetry.space_group_name_H-M   'P 43 21 2'
#
loop_
_entity.id
_entity.type
_entity.pdbx_description
1 polymer 'Rhamnogalacturonan lyase'
2 non-polymer alpha-L-arabinofuranose
3 non-polymer 'ZINC ION'
4 water water
#
_entity_poly.entity_id   1
_entity_poly.type   'polypeptide(L)'
_entity_poly.pdbx_seq_one_letter_code
;(MSE)KTTSFILALIISISIGKAQTNHQVSYFSLQDVKLLSSPFLQAQQTDLHYILALDPDRLSAPFLREAGLTPKAPSY
TNWENTGLDGHIGGHYLSALS(MSE)(MSE)YAATGDTAIYHRLNY(MSE)LNELHRAQQAVGTGFIGGTPGSLQLWKEI
KAGDIRAGGFSLNGKWVPLYNIHKTYAGLRDAYLYAHSDLARQ(MSE)LIDLTDW(MSE)IDITSGLSDNQ(MSE)QD
(MSE)LRSEHGGLNETFADVAEITGDKKYLKLARRFSHKVILDPLIKNEDRLNG(MSE)HANTQIPKVIGYKRVAEVSKN
DKDWNHAAEWDHAARFFWNTVVNHRSVCIGGNSVREHFHPSDNFTS(MSE)LNDVQGPETCNTYN(MSE)LRLTK(MSE)
LYQNSGDVDNSNKPDPRYVDYYERALYNHILSSQEPDKGGFVYFTP(MSE)RPGHYRVYSQPETS(MSE)WCCVGSGLEN
HTKYGEFIYAHQQDTLYVNLFIPSQLNWKEQGVTLTQETLFPDDEKVTLRIDKAAKKNLTL(MSE)IRIPEWAGNSKGYE
ITINGKKHLSDIQTGASTYLPIRRKWKKGD(MSE)ITFHLP(MSE)KVSLEQIPDKKDYYAFLYGPIVLATSTGTENLDG
IYADDSRGGHIAHGRQTPLQEIP(MSE)LIGNPDSIRHSLHKLSGSKLAFSYDGNVYPTQKSKSLELIPFFRLHNSRYAV
YFRQASEEQFKTIQEE(MSE)ATAERKATELANRTVDLIFPGEQQPESDHSIQYEASETGTHKDRHFRRAKGWFSYNLKI
KEEASQL(MSE)ITVRQEDRNKAVILLNNEKLTVHPTVSKADKDGFIRLCYLLPRKLKVGSCEILFKPDGTEWTSAVYEV
RLLK
;
_entity_poly.pdbx_strand_id   A
#
loop_
_chem_comp.id
_chem_comp.type
_chem_comp.name
_chem_comp.formula
AHR L-saccharide, alpha linking alpha-L-arabinofuranose 'C5 H10 O5'
ZN non-polymer 'ZINC ION' 'Zn 2'
#
# COMPACT_ATOMS: atom_id res chain seq x y z
N HIS A 23 22.63 -3.26 -24.10
CA HIS A 23 22.59 -2.21 -23.02
C HIS A 23 21.33 -2.29 -22.13
N GLN A 24 21.03 -4.09 -21.62
CA GLN A 24 19.92 -4.29 -20.72
C GLN A 24 20.44 -4.01 -19.28
N VAL A 25 19.60 -3.36 -18.50
CA VAL A 25 19.86 -3.17 -17.06
C VAL A 25 19.21 -4.32 -16.31
N SER A 26 19.91 -4.88 -15.34
CA SER A 26 19.32 -5.92 -14.52
C SER A 26 19.62 -5.75 -13.03
N TYR A 27 18.87 -6.49 -12.22
CA TYR A 27 18.97 -6.42 -10.77
C TYR A 27 19.75 -7.62 -10.24
N PHE A 28 20.17 -7.48 -9.01
CA PHE A 28 20.83 -8.54 -8.28
C PHE A 28 19.80 -9.35 -7.49
N SER A 29 20.14 -10.60 -7.21
CA SER A 29 19.28 -11.43 -6.37
C SER A 29 19.55 -11.05 -4.91
N LEU A 30 18.59 -11.37 -4.04
CA LEU A 30 18.70 -11.10 -2.63
C LEU A 30 19.88 -11.83 -1.97
N GLN A 31 20.24 -13.02 -2.52
CA GLN A 31 21.41 -13.78 -2.04
C GLN A 31 22.72 -12.98 -2.22
N ASP A 32 22.80 -12.13 -3.25
CA ASP A 32 24.02 -11.40 -3.55
C ASP A 32 24.14 -10.01 -2.93
N VAL A 33 23.15 -9.59 -2.16
CA VAL A 33 23.20 -8.31 -1.48
C VAL A 33 22.96 -8.46 0.02
N LYS A 34 24.03 -8.46 0.80
CA LYS A 34 23.94 -8.61 2.25
C LYS A 34 23.77 -7.24 2.88
N LEU A 35 22.74 -7.07 3.69
CA LEU A 35 22.55 -5.84 4.45
C LEU A 35 23.48 -5.78 5.64
N LEU A 36 24.06 -4.61 5.89
CA LEU A 36 24.90 -4.40 7.05
C LEU A 36 24.12 -3.57 8.02
N SER A 37 24.68 -3.40 9.22
CA SER A 37 24.01 -2.70 10.30
C SER A 37 23.43 -1.35 9.87
N SER A 38 22.12 -1.21 10.04
CA SER A 38 21.35 -0.04 9.62
C SER A 38 19.87 -0.21 10.03
N PRO A 39 19.06 0.85 9.90
CA PRO A 39 17.63 0.67 10.10
C PRO A 39 16.99 -0.42 9.24
N PHE A 40 17.54 -0.64 8.05
CA PHE A 40 17.03 -1.66 7.15
C PHE A 40 17.32 -3.08 7.65
N LEU A 41 18.52 -3.30 8.20
CA LEU A 41 18.83 -4.61 8.76
C LEU A 41 17.98 -4.86 10.00
N GLN A 42 17.82 -3.85 10.85
CA GLN A 42 16.92 -3.99 11.99
C GLN A 42 15.50 -4.39 11.55
N ALA A 43 14.97 -3.70 10.53
CA ALA A 43 13.59 -3.99 10.03
C ALA A 43 13.48 -5.42 9.49
N GLN A 44 14.51 -5.86 8.80
CA GLN A 44 14.59 -7.24 8.31
C GLN A 44 14.51 -8.21 9.47
N GLN A 45 15.30 -7.98 10.50
CA GLN A 45 15.37 -8.95 11.62
C GLN A 45 14.06 -8.95 12.40
N THR A 46 13.46 -7.79 12.56
CA THR A 46 12.17 -7.69 13.25
C THR A 46 11.08 -8.44 12.50
N ASP A 47 11.03 -8.29 11.17
CA ASP A 47 10.07 -9.02 10.35
C ASP A 47 10.36 -10.53 10.39
N LEU A 48 11.64 -10.91 10.36
CA LEU A 48 12.03 -12.34 10.51
C LEU A 48 11.35 -12.97 11.74
N HIS A 49 11.43 -12.30 12.88
CA HIS A 49 10.78 -12.77 14.11
C HIS A 49 9.23 -12.83 14.01
N TYR A 50 8.61 -11.84 13.34
CA TYR A 50 7.16 -11.85 13.11
C TYR A 50 6.73 -13.04 12.24
N ILE A 51 7.43 -13.23 11.12
CA ILE A 51 7.15 -14.35 10.18
C ILE A 51 7.22 -15.71 10.91
N LEU A 52 8.27 -15.88 11.70
CA LEU A 52 8.47 -17.14 12.45
C LEU A 52 7.47 -17.38 13.59
N ALA A 53 6.80 -16.31 14.04
CA ALA A 53 5.76 -16.41 15.07
C ALA A 53 4.42 -16.97 14.57
N LEU A 54 4.20 -16.94 13.25
CA LEU A 54 2.96 -17.39 12.65
C LEU A 54 2.94 -18.90 12.65
N ASP A 55 1.77 -19.46 12.87
CA ASP A 55 1.61 -20.90 12.89
C ASP A 55 1.18 -21.39 11.49
N PRO A 56 2.03 -22.19 10.84
CA PRO A 56 1.68 -22.61 9.48
C PRO A 56 0.47 -23.57 9.42
N ASP A 57 0.19 -24.30 10.50
CA ASP A 57 -1.01 -25.16 10.52
C ASP A 57 -2.31 -24.33 10.48
N ARG A 58 -2.29 -23.16 11.08
CA ARG A 58 -3.44 -22.26 11.05
C ARG A 58 -3.59 -21.62 9.65
N LEU A 59 -2.46 -21.29 9.03
CA LEU A 59 -2.46 -20.69 7.70
C LEU A 59 -2.79 -21.69 6.64
N SER A 60 -2.39 -22.95 6.83
CA SER A 60 -2.74 -24.01 5.87
C SER A 60 -4.17 -24.48 6.02
N ALA A 61 -4.75 -24.30 7.21
CA ALA A 61 -6.06 -24.87 7.52
C ALA A 61 -7.13 -24.63 6.45
N PRO A 62 -7.27 -23.37 5.95
CA PRO A 62 -8.25 -23.11 4.90
C PRO A 62 -8.07 -23.93 3.63
N PHE A 63 -6.82 -24.09 3.18
CA PHE A 63 -6.51 -24.84 1.98
C PHE A 63 -6.92 -26.33 2.14
N LEU A 64 -6.58 -26.87 3.28
CA LEU A 64 -6.87 -28.27 3.58
C LEU A 64 -8.38 -28.47 3.67
N ARG A 65 -9.07 -27.53 4.29
CA ARG A 65 -10.55 -27.61 4.37
C ARG A 65 -11.18 -27.64 2.98
N GLU A 66 -10.80 -26.73 2.10
CA GLU A 66 -11.43 -26.66 0.77
C GLU A 66 -11.10 -27.82 -0.15
N ALA A 67 -10.01 -28.52 0.18
CA ALA A 67 -9.64 -29.75 -0.49
C ALA A 67 -10.31 -31.01 0.12
N GLY A 68 -11.19 -30.87 1.12
CA GLY A 68 -11.82 -32.03 1.76
C GLY A 68 -10.91 -32.76 2.73
N LEU A 69 -9.80 -32.17 3.15
CA LEU A 69 -8.94 -32.75 4.16
C LEU A 69 -9.25 -32.14 5.53
N THR A 70 -8.71 -32.73 6.57
CA THR A 70 -8.95 -32.29 7.93
C THR A 70 -7.80 -31.38 8.38
N PRO A 71 -8.09 -30.10 8.70
CA PRO A 71 -7.06 -29.23 9.26
C PRO A 71 -6.42 -29.76 10.54
N LYS A 72 -5.13 -29.48 10.73
CA LYS A 72 -4.45 -29.83 11.98
C LYS A 72 -4.67 -28.75 13.03
N ALA A 73 -5.20 -27.59 12.62
CA ALA A 73 -5.52 -26.56 13.57
C ALA A 73 -6.63 -25.64 13.06
N PRO A 74 -7.26 -24.88 13.95
CA PRO A 74 -8.20 -23.88 13.43
C PRO A 74 -7.45 -22.81 12.67
N SER A 75 -8.11 -22.25 11.65
CA SER A 75 -7.58 -21.07 10.97
C SER A 75 -7.36 -19.93 11.95
N TYR A 76 -6.62 -18.92 11.52
CA TYR A 76 -6.60 -17.67 12.24
C TYR A 76 -7.98 -16.99 12.13
N THR A 77 -8.25 -16.08 13.03
CA THR A 77 -9.51 -15.32 13.03
C THR A 77 -9.33 -14.05 12.16
N ASN A 78 -10.05 -12.96 12.49
CA ASN A 78 -9.98 -11.71 11.73
C ASN A 78 -10.36 -12.04 10.29
N TRP A 79 -9.59 -11.61 9.29
CA TRP A 79 -9.98 -11.82 7.89
C TRP A 79 -9.86 -13.27 7.39
N GLU A 80 -9.06 -14.08 8.09
CA GLU A 80 -8.86 -15.48 7.75
C GLU A 80 -10.03 -16.43 8.14
N ASN A 81 -10.98 -15.97 8.95
CA ASN A 81 -12.24 -16.72 9.16
C ASN A 81 -13.52 -15.93 8.86
N THR A 82 -13.38 -14.82 8.16
CA THR A 82 -14.54 -14.06 7.74
C THR A 82 -14.53 -13.83 6.23
N GLY A 83 -13.82 -14.67 5.47
CA GLY A 83 -14.03 -14.76 4.01
C GLY A 83 -12.80 -14.62 3.13
N LEU A 84 -11.70 -14.08 3.68
CA LEU A 84 -10.42 -14.02 2.94
C LEU A 84 -9.46 -15.16 3.30
N ASP A 85 -9.99 -16.13 4.04
CA ASP A 85 -9.35 -17.42 4.34
C ASP A 85 -8.40 -17.82 3.21
N GLY A 86 -7.10 -17.89 3.49
CA GLY A 86 -6.10 -18.32 2.50
C GLY A 86 -5.17 -17.24 2.03
N HIS A 87 -5.55 -15.96 2.20
CA HIS A 87 -4.78 -14.89 1.59
C HIS A 87 -3.44 -14.66 2.30
N ILE A 88 -3.40 -14.76 3.63
CA ILE A 88 -2.12 -14.64 4.35
C ILE A 88 -1.19 -15.83 4.04
N GLY A 89 -1.77 -17.02 3.90
CA GLY A 89 -1.02 -18.20 3.51
C GLY A 89 -0.22 -17.96 2.23
N GLY A 90 -0.83 -17.28 1.25
CA GLY A 90 -0.16 -16.94 -0.01
C GLY A 90 0.98 -15.97 0.20
N HIS A 91 0.72 -14.86 0.91
CA HIS A 91 1.78 -13.89 1.25
C HIS A 91 2.93 -14.54 2.04
N TYR A 92 2.55 -15.39 3.00
CA TYR A 92 3.46 -16.20 3.81
C TYR A 92 4.45 -16.99 2.95
N LEU A 93 3.97 -17.70 1.95
CA LEU A 93 4.86 -18.30 0.93
C LEU A 93 5.85 -17.31 0.30
N SER A 94 5.35 -16.14 -0.10
CA SER A 94 6.21 -15.13 -0.74
C SER A 94 7.24 -14.63 0.25
N ALA A 95 6.82 -14.33 1.47
CA ALA A 95 7.72 -13.70 2.45
C ALA A 95 8.77 -14.67 2.95
N LEU A 96 8.38 -15.92 3.24
CA LEU A 96 9.34 -16.99 3.58
C LEU A 96 10.40 -17.16 2.50
N SER A 97 9.97 -17.23 1.23
CA SER A 97 10.88 -17.50 0.12
C SER A 97 11.91 -16.41 -0.04
N MSE A 98 11.44 -15.15 -0.01
CA MSE A 98 12.31 -13.98 -0.09
C MSE A 98 13.18 -13.88 1.14
O MSE A 98 14.38 -13.66 1.00
CB MSE A 98 11.52 -12.67 -0.31
CG MSE A 98 10.89 -12.76 -1.69
SE MSE A 98 9.88 -11.11 -2.16
CE MSE A 98 8.65 -11.13 -0.68
N MSE A 99 12.61 -14.05 2.32
CA MSE A 99 13.43 -14.01 3.54
C MSE A 99 14.52 -15.09 3.50
O MSE A 99 15.65 -14.83 3.93
CB MSE A 99 12.57 -14.13 4.78
CG MSE A 99 13.31 -13.90 6.07
SE MSE A 99 14.08 -12.09 6.24
CE MSE A 99 12.48 -11.06 6.77
N TYR A 100 14.19 -16.25 2.93
CA TYR A 100 15.14 -17.35 2.84
C TYR A 100 16.29 -16.99 1.89
N ALA A 101 15.96 -16.49 0.71
CA ALA A 101 17.00 -16.00 -0.22
C ALA A 101 17.87 -14.91 0.43
N ALA A 102 17.25 -14.01 1.17
CA ALA A 102 17.99 -12.95 1.83
C ALA A 102 18.86 -13.44 2.97
N THR A 103 18.41 -14.46 3.72
CA THR A 103 19.13 -14.85 4.94
C THR A 103 19.69 -16.26 5.06
N GLY A 104 19.16 -17.21 4.29
CA GLY A 104 19.42 -18.63 4.51
C GLY A 104 18.94 -19.18 5.86
N ASP A 105 18.08 -18.45 6.55
CA ASP A 105 17.67 -18.87 7.89
C ASP A 105 17.03 -20.28 7.87
N THR A 106 17.56 -21.17 8.70
CA THR A 106 17.08 -22.55 8.70
C THR A 106 15.64 -22.71 9.24
N ALA A 107 15.27 -21.97 10.26
CA ALA A 107 13.86 -21.99 10.72
C ALA A 107 12.86 -21.55 9.61
N ILE A 108 13.26 -20.54 8.84
CA ILE A 108 12.50 -20.07 7.70
C ILE A 108 12.31 -21.21 6.69
N TYR A 109 13.37 -21.95 6.39
CA TYR A 109 13.24 -23.03 5.43
C TYR A 109 12.32 -24.15 5.95
N HIS A 110 12.39 -24.49 7.24
CA HIS A 110 11.46 -25.49 7.83
C HIS A 110 9.99 -25.09 7.58
N ARG A 111 9.66 -23.82 7.85
CA ARG A 111 8.30 -23.32 7.57
C ARG A 111 7.92 -23.33 6.09
N LEU A 112 8.83 -22.92 5.21
CA LEU A 112 8.53 -22.92 3.79
C LEU A 112 8.31 -24.34 3.25
N ASN A 113 9.23 -25.25 3.59
CA ASN A 113 9.12 -26.62 3.17
C ASN A 113 7.81 -27.25 3.66
N TYR A 114 7.45 -27.00 4.91
CA TYR A 114 6.19 -27.49 5.45
C TYR A 114 4.96 -26.91 4.73
N MSE A 115 4.90 -25.58 4.64
CA MSE A 115 3.76 -24.92 3.98
C MSE A 115 3.58 -25.47 2.58
O MSE A 115 2.46 -25.83 2.20
CB MSE A 115 3.98 -23.41 3.96
CG MSE A 115 2.73 -22.64 3.54
SE MSE A 115 1.36 -22.80 4.98
CE MSE A 115 0.07 -21.68 3.99
N LEU A 116 4.65 -25.55 1.81
CA LEU A 116 4.57 -26.06 0.43
C LEU A 116 4.05 -27.50 0.33
N ASN A 117 4.53 -28.36 1.22
CA ASN A 117 4.13 -29.78 1.28
C ASN A 117 2.69 -29.95 1.78
N GLU A 118 2.23 -29.11 2.68
CA GLU A 118 0.83 -29.14 3.06
C GLU A 118 -0.10 -28.71 1.91
N LEU A 119 0.22 -27.63 1.21
CA LEU A 119 -0.53 -27.19 0.04
C LEU A 119 -0.44 -28.17 -1.14
N HIS A 120 0.69 -28.86 -1.26
CA HIS A 120 0.80 -29.98 -2.21
C HIS A 120 -0.20 -31.11 -1.90
N ARG A 121 -0.31 -31.51 -0.62
CA ARG A 121 -1.28 -32.55 -0.21
C ARG A 121 -2.67 -32.05 -0.59
N ALA A 122 -3.00 -30.82 -0.21
CA ALA A 122 -4.27 -30.21 -0.62
C ALA A 122 -4.49 -30.34 -2.12
N GLN A 123 -3.49 -29.92 -2.89
CA GLN A 123 -3.60 -29.95 -4.36
C GLN A 123 -3.86 -31.39 -4.91
N GLN A 124 -3.15 -32.37 -4.37
CA GLN A 124 -3.24 -33.77 -4.81
C GLN A 124 -4.57 -34.42 -4.43
N ALA A 125 -5.12 -34.04 -3.29
CA ALA A 125 -6.40 -34.56 -2.86
C ALA A 125 -7.53 -34.20 -3.85
N VAL A 126 -7.49 -33.02 -4.46
CA VAL A 126 -8.49 -32.64 -5.46
C VAL A 126 -8.08 -33.07 -6.89
N GLY A 127 -6.78 -32.99 -7.19
CA GLY A 127 -6.21 -33.57 -8.41
C GLY A 127 -6.43 -32.81 -9.72
N THR A 128 -6.94 -31.58 -9.66
CA THR A 128 -7.18 -30.76 -10.86
C THR A 128 -6.25 -29.54 -11.01
N GLY A 129 -5.55 -29.19 -9.93
CA GLY A 129 -4.62 -28.07 -9.93
C GLY A 129 -5.05 -27.03 -8.92
N PHE A 130 -6.34 -27.04 -8.58
CA PHE A 130 -6.93 -26.12 -7.63
C PHE A 130 -6.22 -26.22 -6.28
N ILE A 131 -5.97 -25.05 -5.71
CA ILE A 131 -5.52 -24.83 -4.34
C ILE A 131 -6.21 -23.51 -3.91
N GLY A 132 -6.85 -23.47 -2.75
CA GLY A 132 -7.62 -22.30 -2.39
C GLY A 132 -8.23 -22.40 -1.01
N GLY A 133 -8.38 -21.24 -0.35
CA GLY A 133 -8.94 -21.15 0.99
C GLY A 133 -10.34 -20.55 1.12
N THR A 134 -10.84 -19.92 0.06
CA THR A 134 -12.14 -19.24 0.09
C THR A 134 -13.21 -20.25 0.50
N PRO A 135 -14.03 -19.94 1.55
CA PRO A 135 -15.12 -20.89 1.93
C PRO A 135 -15.99 -21.27 0.72
N GLY A 136 -16.17 -22.57 0.50
CA GLY A 136 -16.94 -23.07 -0.65
C GLY A 136 -16.27 -22.81 -1.99
N SER A 137 -14.95 -23.01 -2.02
CA SER A 137 -14.17 -22.71 -3.21
C SER A 137 -14.59 -23.53 -4.44
N LEU A 138 -14.71 -24.84 -4.26
CA LEU A 138 -14.97 -25.71 -5.41
C LEU A 138 -16.33 -25.37 -6.02
N GLN A 139 -17.33 -25.15 -5.18
CA GLN A 139 -18.63 -24.69 -5.66
C GLN A 139 -18.52 -23.36 -6.44
N LEU A 140 -17.80 -22.40 -5.88
CA LEU A 140 -17.52 -21.13 -6.57
C LEU A 140 -16.99 -21.30 -7.99
N TRP A 141 -15.90 -22.05 -8.15
CA TRP A 141 -15.23 -22.16 -9.45
C TRP A 141 -16.02 -23.04 -10.43
N LYS A 142 -16.83 -23.95 -9.88
CA LYS A 142 -17.84 -24.69 -10.67
C LYS A 142 -18.81 -23.72 -11.32
N GLU A 143 -19.39 -22.83 -10.51
CA GLU A 143 -20.33 -21.79 -11.01
C GLU A 143 -19.69 -20.89 -12.07
N ILE A 144 -18.47 -20.43 -11.79
CA ILE A 144 -17.75 -19.55 -12.72
C ILE A 144 -17.51 -20.26 -14.03
N LYS A 145 -17.03 -21.50 -13.97
CA LYS A 145 -16.75 -22.26 -15.17
C LYS A 145 -17.99 -22.40 -16.05
N ALA A 146 -19.14 -22.65 -15.43
CA ALA A 146 -20.43 -22.72 -16.14
C ALA A 146 -20.96 -21.36 -16.63
N GLY A 147 -20.25 -20.27 -16.36
CA GLY A 147 -20.71 -18.93 -16.74
C GLY A 147 -21.71 -18.33 -15.78
N ASP A 148 -21.88 -18.88 -14.57
CA ASP A 148 -22.67 -18.24 -13.53
C ASP A 148 -21.73 -17.25 -12.81
N ILE A 149 -21.75 -16.02 -13.32
CA ILE A 149 -20.83 -14.98 -12.87
C ILE A 149 -21.62 -13.83 -12.24
N ARG A 150 -21.57 -13.73 -10.91
CA ARG A 150 -22.26 -12.66 -10.20
C ARG A 150 -21.22 -11.76 -9.52
N ALA A 151 -20.74 -10.79 -10.28
CA ALA A 151 -19.61 -9.97 -9.88
C ALA A 151 -20.06 -8.65 -9.29
N GLY A 152 -19.50 -8.30 -8.13
CA GLY A 152 -19.45 -6.91 -7.65
C GLY A 152 -18.01 -6.41 -7.53
N GLY A 153 -17.88 -5.17 -7.04
CA GLY A 153 -16.59 -4.54 -6.81
C GLY A 153 -15.62 -5.38 -5.99
N PHE A 154 -16.13 -5.99 -4.91
CA PHE A 154 -15.34 -6.74 -3.96
C PHE A 154 -15.92 -8.13 -3.65
N SER A 155 -16.73 -8.64 -4.56
CA SER A 155 -17.43 -9.90 -4.34
C SER A 155 -17.58 -10.66 -5.65
N LEU A 156 -17.56 -11.98 -5.56
CA LEU A 156 -17.84 -12.84 -6.71
C LEU A 156 -18.64 -14.03 -6.20
N ASN A 157 -19.90 -14.12 -6.62
CA ASN A 157 -20.81 -15.21 -6.23
C ASN A 157 -20.85 -15.37 -4.73
N GLY A 158 -20.96 -14.26 -4.04
CA GLY A 158 -21.08 -14.22 -2.62
C GLY A 158 -19.79 -14.35 -1.86
N LYS A 159 -18.65 -14.41 -2.55
CA LYS A 159 -17.37 -14.54 -1.86
C LYS A 159 -16.59 -13.23 -1.85
N TRP A 160 -15.77 -13.06 -0.82
CA TRP A 160 -14.94 -11.87 -0.68
C TRP A 160 -13.64 -11.93 -1.53
N VAL A 161 -13.61 -11.12 -2.59
CA VAL A 161 -12.49 -10.99 -3.53
C VAL A 161 -11.68 -12.26 -3.74
N PRO A 162 -12.35 -13.36 -4.18
CA PRO A 162 -11.67 -14.63 -4.30
C PRO A 162 -10.54 -14.61 -5.31
N LEU A 163 -10.67 -13.79 -6.35
CA LEU A 163 -9.59 -13.70 -7.33
C LEU A 163 -8.32 -13.07 -6.74
N TYR A 164 -8.50 -12.01 -5.94
CA TYR A 164 -7.40 -11.41 -5.17
C TYR A 164 -6.74 -12.44 -4.23
N ASN A 165 -7.58 -13.24 -3.56
CA ASN A 165 -7.12 -14.26 -2.63
C ASN A 165 -6.22 -15.24 -3.37
N ILE A 166 -6.73 -15.81 -4.46
CA ILE A 166 -6.01 -16.87 -5.14
C ILE A 166 -4.71 -16.32 -5.82
N HIS A 167 -4.72 -15.06 -6.24
CA HIS A 167 -3.48 -14.38 -6.69
C HIS A 167 -2.29 -14.50 -5.71
N LYS A 168 -2.56 -14.42 -4.40
CA LYS A 168 -1.49 -14.52 -3.41
C LYS A 168 -0.89 -15.93 -3.37
N THR A 169 -1.67 -16.94 -3.72
CA THR A 169 -1.13 -18.31 -3.90
C THR A 169 -0.28 -18.43 -5.15
N TYR A 170 -0.78 -17.92 -6.28
CA TYR A 170 0.01 -17.87 -7.51
C TYR A 170 1.36 -17.18 -7.27
N ALA A 171 1.30 -15.98 -6.67
CA ALA A 171 2.48 -15.24 -6.31
C ALA A 171 3.43 -16.00 -5.40
N GLY A 172 2.88 -16.63 -4.36
CA GLY A 172 3.68 -17.33 -3.37
C GLY A 172 4.43 -18.52 -3.94
N LEU A 173 3.75 -19.27 -4.80
CA LEU A 173 4.37 -20.42 -5.44
C LEU A 173 5.44 -19.95 -6.43
N ARG A 174 5.12 -18.92 -7.23
CA ARG A 174 6.13 -18.27 -8.10
C ARG A 174 7.39 -17.90 -7.30
N ASP A 175 7.16 -17.26 -6.14
CA ASP A 175 8.28 -16.77 -5.33
C ASP A 175 9.07 -17.92 -4.70
N ALA A 176 8.38 -18.98 -4.27
CA ALA A 176 9.09 -20.19 -3.81
C ALA A 176 9.99 -20.75 -4.90
N TYR A 177 9.52 -20.78 -6.15
CA TYR A 177 10.37 -21.19 -7.24
C TYR A 177 11.51 -20.19 -7.52
N LEU A 178 11.17 -18.91 -7.72
CA LEU A 178 12.18 -17.94 -8.13
C LEU A 178 13.22 -17.63 -7.04
N TYR A 179 12.79 -17.53 -5.79
CA TYR A 179 13.70 -17.12 -4.71
C TYR A 179 14.35 -18.29 -3.99
N ALA A 180 13.61 -19.38 -3.78
CA ALA A 180 14.11 -20.52 -2.99
C ALA A 180 14.41 -21.74 -3.83
N HIS A 181 14.27 -21.60 -5.14
CA HIS A 181 14.60 -22.65 -6.11
C HIS A 181 13.77 -23.91 -5.96
N SER A 182 12.52 -23.78 -5.52
CA SER A 182 11.68 -24.94 -5.34
C SER A 182 11.07 -25.41 -6.68
N ASP A 183 11.58 -26.53 -7.20
CA ASP A 183 10.91 -27.22 -8.31
C ASP A 183 9.52 -27.74 -8.00
N LEU A 184 9.27 -28.10 -6.74
CA LEU A 184 7.95 -28.53 -6.33
C LEU A 184 6.95 -27.33 -6.50
N ALA A 185 7.34 -26.15 -6.01
CA ALA A 185 6.52 -24.95 -6.19
C ALA A 185 6.23 -24.66 -7.64
N ARG A 186 7.25 -24.80 -8.49
CA ARG A 186 7.10 -24.62 -9.95
C ARG A 186 6.02 -25.49 -10.57
N GLN A 187 6.01 -26.79 -10.27
CA GLN A 187 4.96 -27.66 -10.80
C GLN A 187 3.61 -27.38 -10.16
N MSE A 188 3.57 -27.05 -8.87
CA MSE A 188 2.30 -26.67 -8.25
C MSE A 188 1.71 -25.45 -8.95
O MSE A 188 0.51 -25.40 -9.23
CB MSE A 188 2.46 -26.41 -6.76
CG MSE A 188 2.83 -27.69 -5.98
SE MSE A 188 3.38 -27.30 -4.15
CE MSE A 188 1.63 -26.64 -3.54
N LEU A 189 2.56 -24.48 -9.24
CA LEU A 189 2.18 -23.25 -9.94
C LEU A 189 1.65 -23.53 -11.36
N ILE A 190 2.37 -24.36 -12.11
CA ILE A 190 1.92 -24.73 -13.46
C ILE A 190 0.57 -25.45 -13.38
N ASP A 191 0.40 -26.39 -12.44
CA ASP A 191 -0.88 -27.11 -12.33
C ASP A 191 -2.06 -26.17 -12.01
N LEU A 192 -1.81 -25.22 -11.10
CA LEU A 192 -2.79 -24.23 -10.67
C LEU A 192 -3.17 -23.27 -11.77
N THR A 193 -2.19 -22.90 -12.60
CA THR A 193 -2.43 -22.05 -13.76
C THR A 193 -3.23 -22.81 -14.85
N ASP A 194 -2.85 -24.06 -15.13
CA ASP A 194 -3.57 -24.89 -16.09
C ASP A 194 -5.03 -25.06 -15.61
N TRP A 195 -5.25 -25.16 -14.30
CA TRP A 195 -6.57 -25.27 -13.73
C TRP A 195 -7.41 -24.02 -14.10
N MSE A 196 -6.82 -22.81 -13.98
CA MSE A 196 -7.50 -21.55 -14.34
C MSE A 196 -7.75 -21.45 -15.84
O MSE A 196 -8.81 -20.97 -16.27
CB MSE A 196 -6.78 -20.28 -13.82
CG MSE A 196 -7.56 -18.97 -14.02
SE MSE A 196 -9.22 -19.02 -12.95
CE MSE A 196 -8.39 -18.38 -11.27
N ILE A 197 -6.83 -21.96 -16.66
CA ILE A 197 -7.14 -22.05 -18.11
C ILE A 197 -8.43 -22.86 -18.33
N ASP A 198 -8.62 -23.95 -17.59
CA ASP A 198 -9.83 -24.76 -17.73
C ASP A 198 -11.11 -24.06 -17.23
N ILE A 199 -11.02 -23.43 -16.07
CA ILE A 199 -12.11 -22.64 -15.52
C ILE A 199 -12.59 -21.59 -16.50
N THR A 200 -11.67 -20.93 -17.20
CA THR A 200 -12.00 -19.82 -18.09
C THR A 200 -12.14 -20.16 -19.59
N SER A 201 -11.92 -21.41 -19.97
CA SER A 201 -11.90 -21.82 -21.41
C SER A 201 -13.23 -21.60 -22.17
N GLY A 202 -14.35 -21.72 -21.46
CA GLY A 202 -15.68 -21.49 -22.02
C GLY A 202 -16.24 -20.09 -21.81
N LEU A 203 -15.46 -19.17 -21.22
CA LEU A 203 -15.89 -17.80 -21.00
C LEU A 203 -15.51 -16.88 -22.17
N SER A 204 -16.44 -16.04 -22.59
CA SER A 204 -16.18 -15.05 -23.63
C SER A 204 -15.36 -13.90 -23.01
N ASP A 205 -14.83 -13.03 -23.84
CA ASP A 205 -14.16 -11.83 -23.33
C ASP A 205 -15.07 -10.94 -22.47
N ASN A 206 -16.32 -10.77 -22.91
CA ASN A 206 -17.29 -10.00 -22.13
C ASN A 206 -17.52 -10.62 -20.76
N GLN A 207 -17.58 -11.95 -20.69
CA GLN A 207 -17.68 -12.62 -19.38
C GLN A 207 -16.45 -12.42 -18.49
N MSE A 208 -15.27 -12.54 -19.08
CA MSE A 208 -14.01 -12.33 -18.38
C MSE A 208 -14.05 -10.90 -17.81
O MSE A 208 -13.87 -10.69 -16.60
CB MSE A 208 -12.81 -12.47 -19.33
CG MSE A 208 -12.32 -13.91 -19.64
SE MSE A 208 -11.87 -14.90 -18.01
CE MSE A 208 -10.75 -13.56 -17.08
N GLN A 209 -14.32 -9.92 -18.67
CA GLN A 209 -14.32 -8.50 -18.28
C GLN A 209 -15.37 -8.16 -17.22
N ASP A 210 -16.50 -8.88 -17.25
CA ASP A 210 -17.50 -8.75 -16.22
C ASP A 210 -16.97 -9.25 -14.88
N MSE A 211 -16.33 -10.43 -14.89
CA MSE A 211 -15.76 -11.04 -13.69
C MSE A 211 -14.67 -10.17 -13.04
O MSE A 211 -14.57 -10.09 -11.79
CB MSE A 211 -15.19 -12.43 -14.03
CG MSE A 211 -14.75 -13.13 -12.75
SE MSE A 211 -14.01 -14.93 -13.16
CE MSE A 211 -12.49 -14.45 -14.32
N LEU A 212 -13.87 -9.55 -13.90
CA LEU A 212 -12.76 -8.69 -13.50
C LEU A 212 -13.19 -7.36 -12.83
N ARG A 213 -14.50 -7.05 -12.83
CA ARG A 213 -15.02 -5.97 -12.03
C ARG A 213 -14.79 -6.29 -10.54
N SER A 214 -14.71 -7.57 -10.17
CA SER A 214 -14.31 -7.92 -8.80
C SER A 214 -12.78 -7.82 -8.68
N GLU A 215 -12.31 -7.20 -7.59
CA GLU A 215 -10.87 -6.99 -7.33
C GLU A 215 -10.15 -8.34 -7.44
N HIS A 216 -9.09 -8.37 -8.22
CA HIS A 216 -8.48 -9.61 -8.61
C HIS A 216 -6.96 -9.61 -8.43
N GLY A 217 -6.44 -8.67 -7.64
CA GLY A 217 -5.00 -8.55 -7.47
C GLY A 217 -4.28 -8.39 -8.79
N GLY A 218 -3.14 -9.08 -8.92
CA GLY A 218 -2.29 -9.01 -10.11
C GLY A 218 -2.22 -10.38 -10.79
N LEU A 219 -3.37 -11.04 -10.95
CA LEU A 219 -3.37 -12.30 -11.69
C LEU A 219 -2.69 -12.21 -13.05
N ASN A 220 -2.92 -11.12 -13.76
CA ASN A 220 -2.29 -10.94 -15.08
C ASN A 220 -0.74 -10.95 -14.99
N GLU A 221 -0.17 -10.31 -13.96
CA GLU A 221 1.27 -10.38 -13.72
C GLU A 221 1.74 -11.84 -13.55
N THR A 222 1.11 -12.58 -12.66
CA THR A 222 1.52 -13.95 -12.35
C THR A 222 1.34 -14.85 -13.54
N PHE A 223 0.32 -14.64 -14.37
CA PHE A 223 0.19 -15.49 -15.58
C PHE A 223 1.27 -15.20 -16.61
N ALA A 224 1.68 -13.95 -16.70
CA ALA A 224 2.83 -13.56 -17.50
C ALA A 224 4.14 -14.19 -16.93
N ASP A 225 4.29 -14.24 -15.61
CA ASP A 225 5.45 -14.87 -14.95
C ASP A 225 5.53 -16.35 -15.34
N VAL A 226 4.39 -17.02 -15.34
CA VAL A 226 4.34 -18.44 -15.74
C VAL A 226 4.70 -18.58 -17.21
N ALA A 227 4.28 -17.63 -18.04
CA ALA A 227 4.67 -17.62 -19.46
C ALA A 227 6.18 -17.60 -19.57
N GLU A 228 6.84 -16.73 -18.80
CA GLU A 228 8.28 -16.62 -18.88
C GLU A 228 9.02 -17.82 -18.32
N ILE A 229 8.51 -18.40 -17.23
CA ILE A 229 9.09 -19.58 -16.59
C ILE A 229 9.03 -20.79 -17.51
N THR A 230 7.88 -20.99 -18.14
CA THR A 230 7.66 -22.15 -19.04
C THR A 230 8.07 -21.90 -20.48
N GLY A 231 8.17 -20.64 -20.86
CA GLY A 231 8.33 -20.24 -22.26
C GLY A 231 7.12 -20.49 -23.11
N ASP A 232 5.96 -20.74 -22.51
CA ASP A 232 4.75 -21.11 -23.24
C ASP A 232 3.77 -19.92 -23.32
N LYS A 233 3.46 -19.51 -24.56
CA LYS A 233 2.59 -18.37 -24.85
C LYS A 233 1.16 -18.51 -24.44
N LYS A 234 0.67 -19.73 -24.24
CA LYS A 234 -0.69 -19.90 -23.75
C LYS A 234 -0.92 -19.14 -22.42
N TYR A 235 0.12 -19.00 -21.62
CA TYR A 235 -0.02 -18.30 -20.33
C TYR A 235 -0.02 -16.80 -20.51
N LEU A 236 0.56 -16.35 -21.62
CA LEU A 236 0.55 -14.95 -22.03
C LEU A 236 -0.82 -14.53 -22.55
N LYS A 237 -1.43 -15.41 -23.35
CA LYS A 237 -2.81 -15.26 -23.73
C LYS A 237 -3.71 -15.17 -22.54
N LEU A 238 -3.47 -16.05 -21.57
CA LEU A 238 -4.25 -16.06 -20.34
C LEU A 238 -4.05 -14.75 -19.57
N ALA A 239 -2.81 -14.28 -19.51
CA ALA A 239 -2.46 -13.03 -18.79
C ALA A 239 -3.21 -11.82 -19.38
N ARG A 240 -3.31 -11.76 -20.70
CA ARG A 240 -4.05 -10.71 -21.40
C ARG A 240 -5.55 -10.80 -21.17
N ARG A 241 -6.09 -12.01 -21.17
CA ARG A 241 -7.51 -12.22 -20.87
C ARG A 241 -7.86 -11.78 -19.46
N PHE A 242 -6.89 -11.85 -18.54
CA PHE A 242 -7.08 -11.40 -17.15
C PHE A 242 -6.67 -9.92 -16.93
N SER A 243 -6.46 -9.17 -18.02
CA SER A 243 -6.10 -7.75 -17.95
C SER A 243 -7.38 -6.92 -18.07
N HIS A 244 -7.64 -6.07 -17.08
CA HIS A 244 -8.95 -5.42 -16.96
C HIS A 244 -8.96 -4.22 -17.91
N LYS A 245 -9.80 -4.28 -18.92
CA LYS A 245 -9.73 -3.37 -20.05
C LYS A 245 -10.24 -1.95 -19.70
N VAL A 246 -11.21 -1.87 -18.81
CA VAL A 246 -11.82 -0.56 -18.50
C VAL A 246 -10.79 0.33 -17.77
N ILE A 247 -9.87 -0.27 -17.03
CA ILE A 247 -8.74 0.47 -16.42
C ILE A 247 -7.63 0.72 -17.42
N LEU A 248 -7.27 -0.27 -18.21
CA LEU A 248 -6.14 -0.14 -19.13
C LEU A 248 -6.30 0.95 -20.24
N ASP A 249 -7.46 0.98 -20.89
CA ASP A 249 -7.59 1.77 -22.15
C ASP A 249 -7.37 3.28 -21.94
N PRO A 250 -7.94 3.86 -20.87
CA PRO A 250 -7.65 5.30 -20.63
C PRO A 250 -6.19 5.60 -20.35
N LEU A 251 -5.52 4.68 -19.65
CA LEU A 251 -4.13 4.86 -19.26
C LEU A 251 -3.23 4.85 -20.49
N ILE A 252 -3.53 3.98 -21.46
CA ILE A 252 -2.85 3.97 -22.78
C ILE A 252 -2.94 5.36 -23.45
N LYS A 253 -4.06 6.02 -23.27
CA LYS A 253 -4.32 7.35 -23.80
C LYS A 253 -4.03 8.50 -22.83
N ASN A 254 -3.19 8.29 -21.82
CA ASN A 254 -2.81 9.34 -20.86
C ASN A 254 -3.99 10.03 -20.16
N GLU A 255 -5.03 9.27 -19.83
CA GLU A 255 -6.17 9.76 -19.10
C GLU A 255 -6.23 9.12 -17.72
N ASP A 256 -6.20 9.98 -16.70
CA ASP A 256 -6.32 9.59 -15.32
C ASP A 256 -7.78 9.67 -14.94
N ARG A 257 -8.41 8.52 -14.81
CA ARG A 257 -9.80 8.46 -14.39
C ARG A 257 -9.93 7.83 -13.02
N LEU A 258 -8.92 8.04 -12.18
CA LEU A 258 -8.79 7.29 -10.93
C LEU A 258 -9.62 7.86 -9.79
N ASN A 259 -10.17 9.07 -9.94
CA ASN A 259 -10.96 9.67 -8.86
C ASN A 259 -12.06 8.73 -8.41
N GLY A 260 -12.15 8.53 -7.10
CA GLY A 260 -13.17 7.66 -6.52
C GLY A 260 -12.84 6.16 -6.58
N MSE A 261 -11.79 5.77 -7.29
CA MSE A 261 -11.47 4.33 -7.41
C MSE A 261 -10.74 3.82 -6.20
O MSE A 261 -9.98 4.56 -5.54
CB MSE A 261 -10.72 4.01 -8.68
CG MSE A 261 -11.69 3.92 -9.85
SE MSE A 261 -10.56 3.48 -11.38
CE MSE A 261 -11.90 3.59 -12.85
N HIS A 262 -11.00 2.56 -5.88
CA HIS A 262 -10.26 1.87 -4.80
C HIS A 262 -8.83 1.68 -5.33
N ALA A 263 -7.83 2.18 -4.58
CA ALA A 263 -6.48 2.38 -5.11
C ALA A 263 -5.65 1.10 -5.20
N ASN A 264 -5.62 0.33 -4.11
CA ASN A 264 -4.84 -0.91 -4.13
C ASN A 264 -5.42 -1.97 -5.06
N THR A 265 -6.69 -1.84 -5.45
CA THR A 265 -7.28 -2.66 -6.53
C THR A 265 -6.55 -2.45 -7.84
N GLN A 266 -6.20 -1.20 -8.14
CA GLN A 266 -5.71 -0.84 -9.48
C GLN A 266 -4.21 -1.07 -9.71
N ILE A 267 -3.40 -0.84 -8.68
CA ILE A 267 -1.95 -0.84 -8.85
C ILE A 267 -1.42 -2.21 -9.34
N PRO A 268 -1.89 -3.32 -8.76
CA PRO A 268 -1.51 -4.65 -9.27
C PRO A 268 -1.92 -4.94 -10.71
N LYS A 269 -3.02 -4.33 -11.16
CA LYS A 269 -3.44 -4.50 -12.53
C LYS A 269 -2.40 -3.90 -13.44
N VAL A 270 -1.92 -2.73 -13.02
CA VAL A 270 -0.99 -1.96 -13.81
C VAL A 270 0.40 -2.63 -13.83
N ILE A 271 0.81 -3.12 -12.69
CA ILE A 271 1.99 -3.97 -12.62
C ILE A 271 1.87 -5.13 -13.63
N GLY A 272 0.70 -5.75 -13.68
CA GLY A 272 0.43 -6.84 -14.62
C GLY A 272 0.51 -6.41 -16.07
N TYR A 273 -0.03 -5.24 -16.41
CA TYR A 273 0.07 -4.73 -17.78
C TYR A 273 1.54 -4.59 -18.17
N LYS A 274 2.33 -4.06 -17.25
CA LYS A 274 3.75 -3.84 -17.46
C LYS A 274 4.48 -5.19 -17.65
N ARG A 275 4.16 -6.16 -16.83
CA ARG A 275 4.76 -7.49 -16.95
C ARG A 275 4.40 -8.22 -18.23
N VAL A 276 3.18 -8.05 -18.69
CA VAL A 276 2.72 -8.63 -19.94
C VAL A 276 3.51 -7.99 -21.07
N ALA A 277 3.75 -6.68 -20.97
CA ALA A 277 4.57 -5.99 -21.99
C ALA A 277 6.02 -6.50 -22.06
N GLU A 278 6.61 -6.72 -20.89
CA GLU A 278 7.96 -7.26 -20.76
C GLU A 278 8.03 -8.65 -21.40
N VAL A 279 7.12 -9.52 -21.03
CA VAL A 279 7.16 -10.92 -21.48
C VAL A 279 6.80 -11.00 -22.98
N SER A 280 6.03 -10.03 -23.46
CA SER A 280 5.65 -9.91 -24.85
C SER A 280 6.66 -9.16 -25.72
N LYS A 281 7.81 -8.73 -25.18
CA LYS A 281 8.78 -7.89 -25.93
C LYS A 281 9.06 -8.42 -27.34
N ASN A 282 9.20 -9.72 -27.49
CA ASN A 282 9.49 -10.33 -28.80
C ASN A 282 8.38 -11.26 -29.27
N ASP A 283 7.13 -10.93 -28.98
CA ASP A 283 5.99 -11.72 -29.46
C ASP A 283 5.58 -11.17 -30.82
N LYS A 284 5.87 -11.92 -31.88
CA LYS A 284 5.54 -11.51 -33.25
C LYS A 284 4.03 -11.46 -33.50
N ASP A 285 3.23 -12.19 -32.72
CA ASP A 285 1.77 -12.29 -32.92
C ASP A 285 0.89 -11.23 -32.19
N TRP A 286 1.52 -10.25 -31.54
CA TRP A 286 0.80 -9.27 -30.73
C TRP A 286 1.56 -7.95 -30.78
N ASN A 287 0.86 -6.84 -30.95
CA ASN A 287 1.50 -5.59 -31.36
C ASN A 287 1.42 -4.53 -30.27
N HIS A 288 1.24 -4.91 -29.02
CA HIS A 288 0.70 -3.98 -28.03
C HIS A 288 1.60 -3.68 -26.84
N ALA A 289 2.80 -4.24 -26.87
CA ALA A 289 3.75 -4.16 -25.78
C ALA A 289 4.10 -2.70 -25.42
N ALA A 290 4.48 -1.90 -26.42
CA ALA A 290 4.77 -0.48 -26.18
C ALA A 290 3.57 0.26 -25.61
N GLU A 291 2.35 0.00 -26.10
CA GLU A 291 1.15 0.64 -25.54
C GLU A 291 0.96 0.27 -24.05
N TRP A 292 1.11 -1.02 -23.74
CA TRP A 292 0.89 -1.50 -22.35
C TRP A 292 1.95 -0.96 -21.39
N ASP A 293 3.20 -0.90 -21.87
CA ASP A 293 4.28 -0.32 -21.11
C ASP A 293 3.99 1.16 -20.81
N HIS A 294 3.60 1.88 -21.85
CA HIS A 294 3.26 3.30 -21.76
C HIS A 294 2.15 3.56 -20.74
N ALA A 295 1.12 2.71 -20.74
CA ALA A 295 0.01 2.88 -19.83
C ALA A 295 0.46 2.76 -18.38
N ALA A 296 1.33 1.76 -18.12
CA ALA A 296 1.96 1.62 -16.81
C ALA A 296 2.83 2.83 -16.43
N ARG A 297 3.56 3.37 -17.40
CA ARG A 297 4.44 4.50 -17.20
C ARG A 297 3.62 5.79 -16.88
N PHE A 298 2.53 5.99 -17.60
CA PHE A 298 1.60 7.10 -17.34
C PHE A 298 0.96 6.94 -15.97
N PHE A 299 0.51 5.73 -15.66
CA PHE A 299 -0.15 5.50 -14.37
C PHE A 299 0.79 5.95 -13.23
N TRP A 300 2.04 5.50 -13.31
CA TRP A 300 3.06 5.85 -12.33
C TRP A 300 3.23 7.38 -12.21
N ASN A 301 3.45 8.02 -13.37
CA ASN A 301 3.66 9.48 -13.45
CA ASN A 301 3.63 9.48 -13.49
C ASN A 301 2.48 10.19 -12.79
N THR A 302 1.26 9.81 -13.13
CA THR A 302 0.10 10.51 -12.62
C THR A 302 -0.12 10.32 -11.11
N VAL A 303 0.12 9.10 -10.62
CA VAL A 303 -0.02 8.83 -9.18
C VAL A 303 1.07 9.55 -8.36
N VAL A 304 2.33 9.43 -8.78
CA VAL A 304 3.44 10.05 -8.09
C VAL A 304 3.31 11.58 -8.10
N ASN A 305 3.08 12.19 -9.27
CA ASN A 305 3.04 13.66 -9.38
C ASN A 305 1.75 14.33 -8.93
N HIS A 306 0.63 13.62 -8.88
CA HIS A 306 -0.64 14.26 -8.49
C HIS A 306 -1.41 13.61 -7.35
N ARG A 307 -1.07 12.38 -6.98
CA ARG A 307 -1.87 11.68 -5.98
C ARG A 307 -1.12 11.24 -4.71
N SER A 308 0.14 11.61 -4.60
CA SER A 308 0.98 11.14 -3.54
C SER A 308 1.39 12.24 -2.54
N VAL A 309 1.49 11.88 -1.27
CA VAL A 309 1.95 12.79 -0.21
C VAL A 309 3.46 12.62 0.00
N CYS A 310 4.02 13.39 0.94
CA CYS A 310 5.45 13.50 1.04
C CYS A 310 6.12 12.16 1.42
N ILE A 311 5.42 11.30 2.18
CA ILE A 311 5.99 9.99 2.55
C ILE A 311 6.00 8.97 1.41
N GLY A 312 5.40 9.31 0.25
CA GLY A 312 5.41 8.43 -0.92
C GLY A 312 4.14 7.66 -1.21
N GLY A 313 3.20 7.67 -0.28
CA GLY A 313 1.96 6.93 -0.41
C GLY A 313 0.82 7.75 -0.96
N ASN A 314 -0.31 7.06 -1.11
CA ASN A 314 -1.49 7.59 -1.79
C ASN A 314 -2.74 7.04 -1.14
N SER A 315 -3.84 7.75 -1.34
CA SER A 315 -5.21 7.30 -0.98
C SER A 315 -5.62 7.66 0.40
N VAL A 316 -6.94 7.81 0.57
CA VAL A 316 -7.58 8.08 1.89
C VAL A 316 -8.77 7.13 1.97
N ARG A 317 -8.97 6.49 3.12
CA ARG A 317 -9.91 5.38 3.23
C ARG A 317 -9.82 4.43 2.02
N GLU A 318 -8.59 4.10 1.64
CA GLU A 318 -8.26 3.14 0.57
C GLU A 318 -8.57 3.59 -0.85
N HIS A 319 -9.10 4.81 -1.02
CA HIS A 319 -9.53 5.33 -2.33
C HIS A 319 -8.80 6.58 -2.75
N PHE A 320 -8.66 6.73 -4.06
CA PHE A 320 -8.15 7.91 -4.65
C PHE A 320 -9.21 9.04 -4.52
N HIS A 321 -8.81 10.15 -3.90
CA HIS A 321 -9.62 11.36 -3.76
C HIS A 321 -9.21 12.23 -4.94
N PRO A 322 -10.00 13.27 -5.24
CA PRO A 322 -9.58 14.18 -6.31
C PRO A 322 -8.18 14.75 -6.11
N SER A 323 -7.43 14.86 -7.20
CA SER A 323 -6.09 15.34 -7.13
C SER A 323 -6.02 16.83 -6.83
N ASP A 324 -7.12 17.58 -6.99
CA ASP A 324 -7.14 19.00 -6.61
C ASP A 324 -7.78 19.23 -5.22
N ASN A 325 -8.00 18.16 -4.46
CA ASN A 325 -8.58 18.27 -3.14
C ASN A 325 -8.07 17.20 -2.18
N PHE A 326 -7.10 17.64 -1.37
CA PHE A 326 -6.47 16.83 -0.36
C PHE A 326 -7.06 17.10 1.02
N THR A 327 -8.22 17.74 1.11
CA THR A 327 -8.82 18.02 2.42
C THR A 327 -9.02 16.75 3.24
N SER A 328 -9.58 15.69 2.63
CA SER A 328 -9.77 14.41 3.34
C SER A 328 -8.46 13.82 3.86
N MSE A 329 -7.36 13.97 3.11
CA MSE A 329 -6.04 13.48 3.51
C MSE A 329 -5.55 14.15 4.78
O MSE A 329 -4.84 13.56 5.56
CB MSE A 329 -5.09 13.72 2.34
CG MSE A 329 -3.64 13.39 2.57
SE MSE A 329 -3.39 11.44 2.72
CE MSE A 329 -3.45 11.02 0.80
N LEU A 330 -5.92 15.42 4.97
CA LEU A 330 -5.49 16.15 6.15
C LEU A 330 -6.48 16.03 7.31
N ASN A 331 -7.69 15.53 7.07
CA ASN A 331 -8.69 15.43 8.14
C ASN A 331 -9.03 13.99 8.57
N ASP A 332 -9.00 13.04 7.65
CA ASP A 332 -9.35 11.65 7.95
C ASP A 332 -8.21 10.93 8.65
N VAL A 333 -8.56 10.10 9.63
CA VAL A 333 -7.57 9.26 10.30
C VAL A 333 -7.07 8.09 9.45
N GLN A 334 -7.72 7.80 8.33
CA GLN A 334 -7.32 6.70 7.45
C GLN A 334 -6.53 7.28 6.28
N GLY A 335 -5.26 7.57 6.55
CA GLY A 335 -4.34 8.07 5.53
C GLY A 335 -3.89 6.97 4.59
N PRO A 336 -2.69 7.12 4.01
CA PRO A 336 -2.30 6.13 3.00
C PRO A 336 -2.28 4.68 3.51
N GLU A 337 -2.72 3.77 2.65
CA GLU A 337 -2.67 2.36 2.93
C GLU A 337 -1.27 1.85 2.55
N THR A 338 -0.65 1.06 3.40
CA THR A 338 0.72 0.58 3.13
C THR A 338 0.86 -0.32 1.90
N CYS A 339 -0.11 -1.19 1.64
CA CYS A 339 -0.10 -2.04 0.41
C CYS A 339 0.16 -1.25 -0.88
N ASN A 340 -0.45 -0.07 -0.94
CA ASN A 340 -0.42 0.76 -2.11
C ASN A 340 1.02 1.15 -2.41
N THR A 341 1.76 1.53 -1.37
CA THR A 341 3.17 1.90 -1.55
C THR A 341 4.03 0.67 -1.89
N TYR A 342 3.85 -0.41 -1.16
CA TYR A 342 4.44 -1.71 -1.55
C TYR A 342 4.26 -1.95 -3.05
N ASN A 343 3.03 -1.76 -3.53
CA ASN A 343 2.72 -1.96 -4.94
C ASN A 343 3.33 -0.93 -5.89
N MSE A 344 3.38 0.34 -5.48
CA MSE A 344 4.05 1.38 -6.27
C MSE A 344 5.52 1.08 -6.42
O MSE A 344 6.12 1.35 -7.47
CB MSE A 344 3.80 2.78 -5.64
CG MSE A 344 2.37 3.35 -5.78
SE MSE A 344 1.87 3.54 -7.69
CE MSE A 344 3.17 4.93 -8.16
N LEU A 345 6.14 0.57 -5.37
CA LEU A 345 7.58 0.25 -5.43
C LEU A 345 7.83 -0.91 -6.37
N ARG A 346 6.97 -1.92 -6.33
CA ARG A 346 7.09 -3.03 -7.32
C ARG A 346 7.02 -2.51 -8.76
N LEU A 347 6.08 -1.57 -8.99
CA LEU A 347 5.91 -0.95 -10.28
C LEU A 347 7.13 -0.12 -10.64
N THR A 348 7.66 0.61 -9.68
CA THR A 348 8.78 1.50 -9.93
C THR A 348 9.97 0.72 -10.42
N LYS A 349 10.21 -0.40 -9.75
CA LYS A 349 11.31 -1.28 -10.11
C LYS A 349 11.20 -1.74 -11.57
N MSE A 350 10.01 -2.10 -12.02
CA MSE A 350 9.87 -2.52 -13.41
C MSE A 350 10.06 -1.38 -14.42
O MSE A 350 10.66 -1.57 -15.47
CB MSE A 350 8.50 -3.13 -13.63
CG MSE A 350 8.29 -4.45 -12.89
SE MSE A 350 6.46 -5.15 -13.29
CE MSE A 350 5.70 -3.50 -12.62
N LEU A 351 9.53 -0.20 -14.11
CA LEU A 351 9.64 0.97 -15.03
C LEU A 351 11.08 1.50 -15.18
N TYR A 352 11.79 1.54 -14.05
CA TYR A 352 13.19 1.98 -14.01
C TYR A 352 14.06 1.12 -14.92
N GLN A 353 13.79 -0.17 -14.88
CA GLN A 353 14.70 -1.12 -15.45
C GLN A 353 14.92 -0.97 -16.98
N ASN A 354 13.86 -0.67 -17.71
CA ASN A 354 13.94 -0.37 -19.13
C ASN A 354 13.62 1.11 -19.43
N SER A 355 13.79 2.01 -18.46
CA SER A 355 13.56 3.43 -18.72
C SER A 355 14.51 4.01 -19.80
N GLY A 356 15.74 3.50 -19.87
CA GLY A 356 16.74 3.91 -20.86
C GLY A 356 16.43 3.41 -22.27
N ASP A 357 15.67 2.33 -22.39
CA ASP A 357 15.19 1.86 -23.69
C ASP A 357 14.11 2.76 -24.19
N VAL A 358 13.19 3.10 -23.31
CA VAL A 358 12.00 3.87 -23.65
C VAL A 358 12.31 5.32 -24.01
N ASP A 359 13.27 5.94 -23.32
CA ASP A 359 13.66 7.31 -23.65
C ASP A 359 14.84 7.43 -24.64
N ASN A 360 15.24 6.31 -25.27
CA ASN A 360 16.38 6.22 -26.20
C ASN A 360 17.80 6.51 -25.70
N SER A 361 18.00 6.77 -24.41
CA SER A 361 19.33 7.11 -23.91
C SER A 361 20.21 5.88 -23.57
N ASN A 362 19.62 4.69 -23.46
CA ASN A 362 20.30 3.51 -22.89
C ASN A 362 20.92 3.68 -21.49
N LYS A 363 20.49 4.68 -20.74
CA LYS A 363 20.82 4.79 -19.34
C LYS A 363 19.51 4.94 -18.58
N PRO A 364 19.36 4.22 -17.44
CA PRO A 364 18.11 4.30 -16.70
C PRO A 364 17.89 5.65 -16.04
N ASP A 365 16.63 6.00 -15.81
CA ASP A 365 16.25 7.33 -15.35
C ASP A 365 16.26 7.38 -13.81
N PRO A 366 17.22 8.14 -13.21
CA PRO A 366 17.29 8.17 -11.74
C PRO A 366 16.09 8.78 -11.00
N ARG A 367 15.18 9.46 -11.71
CA ARG A 367 13.99 10.03 -11.08
C ARG A 367 13.08 8.98 -10.48
N TYR A 368 12.98 7.81 -11.12
CA TYR A 368 12.37 6.65 -10.47
C TYR A 368 12.96 6.33 -9.10
N VAL A 369 14.30 6.40 -8.99
CA VAL A 369 14.99 6.12 -7.75
C VAL A 369 14.71 7.17 -6.71
N ASP A 370 14.60 8.44 -7.11
CA ASP A 370 14.18 9.48 -6.15
C ASP A 370 12.87 9.10 -5.47
N TYR A 371 11.90 8.63 -6.25
CA TYR A 371 10.63 8.15 -5.70
C TYR A 371 10.82 6.92 -4.78
N TYR A 372 11.52 5.90 -5.29
CA TYR A 372 11.78 4.68 -4.55
C TYR A 372 12.37 5.02 -3.19
N GLU A 373 13.37 5.89 -3.21
CA GLU A 373 14.03 6.28 -1.95
C GLU A 373 13.08 6.94 -0.96
N ARG A 374 12.32 7.94 -1.42
CA ARG A 374 11.32 8.62 -0.59
C ARG A 374 10.32 7.64 0.04
N ALA A 375 9.74 6.76 -0.79
CA ALA A 375 8.73 5.83 -0.33
C ALA A 375 9.31 4.73 0.56
N LEU A 376 10.56 4.32 0.30
CA LEU A 376 11.19 3.25 1.07
C LEU A 376 11.53 3.69 2.50
N TYR A 377 12.20 4.84 2.61
CA TYR A 377 12.61 5.39 3.92
C TYR A 377 11.44 5.90 4.72
N ASN A 378 10.48 6.54 4.06
CA ASN A 378 9.44 7.28 4.80
C ASN A 378 8.11 6.58 5.02
N HIS A 379 7.76 5.61 4.18
CA HIS A 379 6.53 4.85 4.35
C HIS A 379 6.82 3.41 4.68
N ILE A 380 7.57 2.72 3.83
CA ILE A 380 7.84 1.30 4.11
C ILE A 380 8.58 1.12 5.45
N LEU A 381 9.70 1.80 5.59
CA LEU A 381 10.49 1.69 6.82
C LEU A 381 9.70 2.13 8.07
N SER A 382 8.85 3.14 7.93
CA SER A 382 8.03 3.67 9.02
C SER A 382 6.86 2.76 9.44
N SER A 383 6.49 1.82 8.57
CA SER A 383 5.29 1.01 8.70
C SER A 383 5.43 -0.26 9.54
N GLN A 384 6.61 -0.47 10.15
CA GLN A 384 6.82 -1.60 11.07
C GLN A 384 7.34 -1.08 12.39
N GLU A 385 6.69 -1.46 13.50
CA GLU A 385 7.22 -1.10 14.83
C GLU A 385 8.60 -1.78 14.98
N PRO A 386 9.64 -0.97 15.21
CA PRO A 386 11.00 -1.46 14.90
C PRO A 386 11.62 -2.45 15.89
N ASP A 387 11.11 -2.47 17.11
CA ASP A 387 11.66 -3.31 18.18
C ASP A 387 10.86 -4.61 18.38
N LYS A 388 9.55 -4.48 18.57
CA LYS A 388 8.67 -5.62 18.75
C LYS A 388 8.09 -6.15 17.47
N GLY A 389 8.04 -5.33 16.41
CA GLY A 389 7.34 -5.73 15.18
C GLY A 389 5.85 -5.39 15.31
N GLY A 390 5.13 -5.58 14.21
CA GLY A 390 3.76 -5.02 14.05
C GLY A 390 3.71 -4.09 12.84
N PHE A 391 2.82 -4.40 11.90
CA PHE A 391 2.65 -3.72 10.65
C PHE A 391 1.51 -2.68 10.68
N VAL A 392 1.78 -1.57 10.05
CA VAL A 392 0.77 -0.51 9.89
C VAL A 392 -0.04 -0.72 8.58
N TYR A 393 -1.34 -0.48 8.70
CA TYR A 393 -2.28 -0.49 7.60
C TYR A 393 -2.47 0.94 7.09
N PHE A 394 -2.91 1.83 7.98
CA PHE A 394 -3.12 3.26 7.66
C PHE A 394 -2.13 4.18 8.40
N THR A 395 -1.55 5.12 7.65
CA THR A 395 -0.67 6.15 8.19
C THR A 395 -1.34 7.52 8.04
N PRO A 396 -2.06 7.98 9.07
CA PRO A 396 -2.75 9.27 8.93
C PRO A 396 -1.80 10.41 8.60
N MSE A 397 -2.29 11.33 7.76
CA MSE A 397 -1.65 12.60 7.54
C MSE A 397 -2.35 13.71 8.29
O MSE A 397 -1.90 14.85 8.25
CB MSE A 397 -1.53 12.84 6.05
CG MSE A 397 -0.60 11.83 5.39
SE MSE A 397 1.30 12.22 5.71
CE MSE A 397 1.75 10.55 6.65
N ARG A 398 -3.41 13.38 9.01
CA ARG A 398 -4.05 14.36 9.87
C ARG A 398 -3.11 14.74 11.03
N PRO A 399 -2.90 16.06 11.25
CA PRO A 399 -2.07 16.46 12.39
C PRO A 399 -2.63 16.00 13.72
N GLY A 400 -1.83 15.26 14.47
CA GLY A 400 -2.16 14.93 15.84
C GLY A 400 -2.78 13.58 16.07
N HIS A 401 -2.89 12.75 15.02
CA HIS A 401 -3.37 11.39 15.18
C HIS A 401 -2.21 10.40 15.29
N TYR A 402 -2.49 9.09 15.27
CA TYR A 402 -1.51 8.04 15.47
C TYR A 402 -1.87 6.86 14.56
N ARG A 403 -0.99 5.87 14.50
CA ARG A 403 -1.18 4.70 13.68
C ARG A 403 -1.06 3.41 14.49
N VAL A 404 -1.81 2.40 14.05
CA VAL A 404 -2.06 1.17 14.74
C VAL A 404 -1.18 0.10 14.10
N TYR A 405 -0.67 -0.82 14.93
CA TYR A 405 0.17 -1.93 14.47
C TYR A 405 -0.56 -3.24 14.63
N SER A 406 -0.33 -4.13 13.68
CA SER A 406 -0.74 -5.51 13.78
C SER A 406 -0.03 -6.26 14.92
N GLN A 407 -0.61 -7.40 15.30
CA GLN A 407 0.07 -8.44 16.08
C GLN A 407 0.00 -9.79 15.37
N PRO A 408 1.03 -10.65 15.52
CA PRO A 408 1.09 -11.88 14.75
C PRO A 408 -0.15 -12.76 14.79
N GLU A 409 -0.68 -13.02 15.97
CA GLU A 409 -1.81 -13.94 16.11
C GLU A 409 -3.18 -13.28 15.94
N THR A 410 -3.26 -11.94 15.91
CA THR A 410 -4.57 -11.25 15.87
C THR A 410 -4.96 -10.69 14.52
N SER A 411 -3.98 -10.38 13.67
CA SER A 411 -4.20 -9.48 12.55
C SER A 411 -3.89 -10.16 11.22
N MSE A 412 -4.90 -10.24 10.34
CA MSE A 412 -4.82 -10.95 9.08
C MSE A 412 -5.11 -10.03 7.91
O MSE A 412 -5.62 -10.46 6.86
CB MSE A 412 -5.76 -12.13 9.15
CG MSE A 412 -5.35 -13.18 10.16
SE MSE A 412 -3.55 -14.00 9.94
CE MSE A 412 -2.96 -13.90 11.81
N TRP A 413 -4.70 -8.77 8.04
CA TRP A 413 -4.98 -7.75 7.05
C TRP A 413 -4.11 -7.93 5.82
N CYS A 414 -4.58 -7.36 4.74
CA CYS A 414 -3.75 -7.19 3.52
C CYS A 414 -2.36 -6.57 3.83
N CYS A 415 -2.36 -5.52 4.67
CA CYS A 415 -1.13 -4.80 5.05
C CYS A 415 -0.18 -5.61 5.98
N VAL A 416 -0.70 -6.64 6.63
CA VAL A 416 0.12 -7.64 7.27
C VAL A 416 0.80 -8.47 6.20
N GLY A 417 0.00 -8.93 5.22
CA GLY A 417 0.50 -9.74 4.13
C GLY A 417 1.62 -9.08 3.33
N SER A 418 1.38 -7.87 2.86
CA SER A 418 2.43 -7.12 2.16
C SER A 418 3.55 -6.68 3.11
N GLY A 419 3.18 -6.44 4.38
CA GLY A 419 4.10 -6.15 5.46
C GLY A 419 5.12 -7.26 5.62
N LEU A 420 4.69 -8.52 5.58
CA LEU A 420 5.64 -9.63 5.68
C LEU A 420 6.67 -9.56 4.55
N GLU A 421 6.23 -9.23 3.33
CA GLU A 421 7.14 -9.15 2.16
C GLU A 421 8.11 -7.99 2.19
N ASN A 422 7.58 -6.82 2.59
CA ASN A 422 8.33 -5.54 2.55
C ASN A 422 9.76 -5.61 3.04
N HIS A 423 9.96 -6.17 4.23
CA HIS A 423 11.25 -6.04 4.93
C HIS A 423 12.20 -7.19 4.61
N THR A 424 11.76 -8.15 3.79
CA THR A 424 12.62 -9.22 3.28
C THR A 424 13.58 -8.75 2.16
N LYS A 425 13.27 -7.65 1.50
CA LYS A 425 13.82 -7.37 0.17
C LYS A 425 14.41 -5.98 0.01
N TYR A 426 14.88 -5.37 1.10
CA TYR A 426 15.55 -4.09 1.00
C TYR A 426 16.86 -4.12 0.20
N GLY A 427 17.50 -5.29 0.09
CA GLY A 427 18.61 -5.49 -0.81
C GLY A 427 18.33 -5.32 -2.31
N GLU A 428 17.06 -5.38 -2.74
CA GLU A 428 16.72 -5.58 -4.15
C GLU A 428 16.99 -4.42 -5.09
N PHE A 429 16.96 -3.18 -4.59
CA PHE A 429 17.02 -1.97 -5.41
C PHE A 429 18.22 -1.08 -5.07
N ILE A 430 19.12 -1.56 -4.22
CA ILE A 430 20.26 -0.77 -3.81
C ILE A 430 21.18 -0.58 -5.04
N TYR A 431 21.41 -1.63 -5.80
CA TYR A 431 22.28 -1.60 -6.97
C TYR A 431 21.53 -2.12 -8.20
N ALA A 432 22.06 -1.77 -9.37
CA ALA A 432 21.63 -2.39 -10.65
C ALA A 432 22.86 -2.49 -11.51
N HIS A 433 22.88 -3.45 -12.43
CA HIS A 433 24.07 -3.65 -13.27
C HIS A 433 23.71 -3.73 -14.75
N GLN A 434 24.67 -3.32 -15.58
CA GLN A 434 24.48 -3.16 -17.03
C GLN A 434 25.86 -3.40 -17.66
N GLN A 435 26.16 -4.69 -17.88
CA GLN A 435 27.40 -5.16 -18.46
C GLN A 435 28.54 -4.68 -17.56
N ASP A 436 29.37 -3.75 -18.04
CA ASP A 436 30.51 -3.23 -17.30
C ASP A 436 30.22 -1.98 -16.42
N THR A 437 28.94 -1.71 -16.16
CA THR A 437 28.48 -0.57 -15.39
C THR A 437 27.66 -1.06 -14.18
N LEU A 438 27.97 -0.46 -13.02
CA LEU A 438 27.21 -0.66 -11.78
C LEU A 438 26.51 0.64 -11.44
N TYR A 439 25.22 0.59 -11.17
CA TYR A 439 24.49 1.76 -10.69
C TYR A 439 24.40 1.64 -9.17
N VAL A 440 24.82 2.68 -8.48
CA VAL A 440 24.75 2.77 -7.03
C VAL A 440 23.57 3.71 -6.78
N ASN A 441 22.44 3.14 -6.37
CA ASN A 441 21.16 3.83 -6.32
C ASN A 441 20.71 4.20 -4.91
N LEU A 442 20.75 3.27 -3.96
CA LEU A 442 20.43 3.57 -2.57
C LEU A 442 21.64 3.55 -1.66
N PHE A 443 21.63 4.48 -0.70
CA PHE A 443 22.75 4.66 0.20
C PHE A 443 22.51 3.89 1.48
N ILE A 444 22.49 2.55 1.29
CA ILE A 444 22.17 1.60 2.34
C ILE A 444 23.38 0.69 2.56
N PRO A 445 23.88 0.63 3.82
CA PRO A 445 25.02 -0.21 4.16
C PRO A 445 24.76 -1.63 3.70
N SER A 446 25.69 -2.18 2.93
CA SER A 446 25.48 -3.43 2.24
C SER A 446 26.77 -3.96 1.68
N GLN A 447 26.84 -5.28 1.46
CA GLN A 447 27.93 -5.90 0.73
C GLN A 447 27.34 -6.55 -0.51
N LEU A 448 27.91 -6.21 -1.68
CA LEU A 448 27.44 -6.68 -2.97
C LEU A 448 28.36 -7.73 -3.55
N ASN A 449 27.78 -8.81 -4.04
CA ASN A 449 28.53 -9.80 -4.80
C ASN A 449 28.17 -9.68 -6.29
N TRP A 450 29.03 -8.98 -7.02
CA TRP A 450 28.87 -8.71 -8.46
C TRP A 450 29.70 -9.75 -9.20
N LYS A 451 29.14 -10.98 -9.17
CA LYS A 451 29.73 -12.19 -9.71
C LYS A 451 30.14 -11.97 -11.16
N GLU A 452 29.27 -11.30 -11.91
CA GLU A 452 29.41 -11.07 -13.33
C GLU A 452 30.71 -10.40 -13.75
N GLN A 453 31.27 -9.55 -12.89
CA GLN A 453 32.52 -8.85 -13.14
C GLN A 453 33.60 -9.17 -12.10
N GLY A 454 33.43 -10.29 -11.40
CA GLY A 454 34.30 -10.76 -10.33
C GLY A 454 34.58 -9.78 -9.21
N VAL A 455 33.59 -8.95 -8.88
CA VAL A 455 33.74 -7.88 -7.88
C VAL A 455 32.91 -8.12 -6.62
N THR A 456 33.51 -7.84 -5.46
CA THR A 456 32.82 -7.74 -4.19
C THR A 456 33.09 -6.36 -3.67
N LEU A 457 32.02 -5.70 -3.24
CA LEU A 457 32.03 -4.29 -2.89
C LEU A 457 31.27 -4.11 -1.58
N THR A 458 31.73 -3.22 -0.71
CA THR A 458 31.06 -2.90 0.55
C THR A 458 30.73 -1.42 0.52
N GLN A 459 29.47 -1.10 0.77
CA GLN A 459 29.04 0.29 0.93
C GLN A 459 28.90 0.56 2.43
N GLU A 460 29.64 1.54 2.93
CA GLU A 460 29.57 1.96 4.35
C GLU A 460 29.07 3.38 4.44
N THR A 461 28.08 3.58 5.28
CA THR A 461 27.51 4.92 5.51
C THR A 461 26.60 4.92 6.72
N LEU A 462 26.56 6.05 7.41
CA LEU A 462 25.59 6.26 8.46
C LEU A 462 24.36 6.98 7.93
N PHE A 463 24.29 7.20 6.61
CA PHE A 463 23.15 7.86 5.98
C PHE A 463 21.84 7.26 6.53
N PRO A 464 20.86 8.07 6.91
CA PRO A 464 20.78 9.51 6.72
C PRO A 464 21.31 10.37 7.88
N ASP A 465 21.93 9.76 8.88
CA ASP A 465 22.42 10.52 10.04
C ASP A 465 23.81 11.14 9.78
N ASP A 466 24.38 10.87 8.62
CA ASP A 466 25.62 11.47 8.21
C ASP A 466 25.61 11.49 6.69
N GLU A 467 26.37 12.42 6.11
CA GLU A 467 26.43 12.60 4.67
C GLU A 467 27.42 11.73 3.92
N LYS A 468 28.37 11.13 4.61
CA LYS A 468 29.49 10.43 3.96
C LYS A 468 29.12 9.00 3.56
N VAL A 469 29.51 8.62 2.36
CA VAL A 469 29.35 7.27 1.86
C VAL A 469 30.72 6.79 1.37
N THR A 470 31.07 5.55 1.70
CA THR A 470 32.32 4.94 1.24
C THR A 470 32.00 3.62 0.54
N LEU A 471 32.54 3.45 -0.67
CA LEU A 471 32.51 2.18 -1.38
C LEU A 471 33.94 1.60 -1.29
N ARG A 472 34.07 0.38 -0.81
CA ARG A 472 35.34 -0.32 -0.71
C ARG A 472 35.27 -1.57 -1.61
N ILE A 473 36.31 -1.76 -2.41
CA ILE A 473 36.42 -2.92 -3.28
C ILE A 473 37.10 -4.00 -2.44
N ASP A 474 36.37 -5.04 -2.10
CA ASP A 474 36.90 -6.17 -1.31
C ASP A 474 37.55 -7.22 -2.21
N LYS A 475 37.11 -7.32 -3.45
CA LYS A 475 37.70 -8.26 -4.37
C LYS A 475 37.41 -7.79 -5.79
N ALA A 476 38.38 -7.95 -6.69
CA ALA A 476 38.18 -7.61 -8.09
C ALA A 476 39.07 -8.41 -9.02
N ALA A 477 38.68 -8.44 -10.29
CA ALA A 477 39.47 -9.07 -11.35
C ALA A 477 40.07 -8.06 -12.35
N LYS A 478 40.36 -6.85 -11.90
CA LYS A 478 40.92 -5.74 -12.73
C LYS A 478 40.26 -5.45 -14.12
N LYS A 479 38.95 -5.66 -14.22
CA LYS A 479 38.24 -5.23 -15.43
C LYS A 479 37.96 -3.74 -15.25
N ASN A 480 37.89 -3.01 -16.36
CA ASN A 480 37.53 -1.59 -16.36
C ASN A 480 36.04 -1.55 -16.12
N LEU A 481 35.60 -0.94 -15.02
CA LEU A 481 34.16 -0.85 -14.71
C LEU A 481 33.77 0.58 -14.37
N THR A 482 32.58 0.98 -14.80
CA THR A 482 32.05 2.30 -14.48
C THR A 482 31.07 2.21 -13.32
N LEU A 483 31.36 2.95 -12.25
CA LEU A 483 30.43 3.14 -11.16
C LEU A 483 29.61 4.38 -11.48
N MSE A 484 28.27 4.24 -11.45
CA MSE A 484 27.35 5.36 -11.73
C MSE A 484 26.76 5.69 -10.41
O MSE A 484 25.86 4.99 -9.94
CB MSE A 484 26.30 4.98 -12.77
CG MSE A 484 26.88 4.65 -14.14
SE MSE A 484 27.21 6.31 -15.12
CE MSE A 484 25.40 6.69 -15.79
N ILE A 485 27.30 6.71 -9.76
CA ILE A 485 26.86 7.12 -8.45
C ILE A 485 25.71 8.10 -8.63
N ARG A 486 24.57 7.77 -8.02
CA ARG A 486 23.41 8.61 -8.09
C ARG A 486 23.62 9.91 -7.32
N ILE A 487 23.31 11.02 -7.99
CA ILE A 487 23.36 12.34 -7.39
C ILE A 487 21.91 12.79 -7.38
N PRO A 488 21.23 12.62 -6.25
CA PRO A 488 19.81 12.92 -6.24
C PRO A 488 19.59 14.43 -6.39
N GLU A 489 18.45 14.83 -6.95
CA GLU A 489 18.00 16.24 -7.01
C GLU A 489 18.19 16.92 -5.65
N TRP A 490 17.72 16.29 -4.57
CA TRP A 490 17.90 16.84 -3.21
C TRP A 490 19.36 17.10 -2.78
N ALA A 491 20.32 16.46 -3.39
CA ALA A 491 21.71 16.68 -3.07
C ALA A 491 22.20 17.90 -3.83
N TYR A 497 30.99 18.70 -7.46
CA TYR A 497 31.20 17.29 -7.08
C TYR A 497 32.66 16.98 -6.73
N GLU A 498 32.96 16.84 -5.43
CA GLU A 498 34.26 16.31 -4.95
C GLU A 498 34.09 14.88 -4.43
N ILE A 499 34.67 13.92 -5.16
CA ILE A 499 34.85 12.56 -4.66
C ILE A 499 36.31 12.37 -4.31
N THR A 500 36.59 11.42 -3.44
CA THR A 500 37.92 10.95 -3.15
C THR A 500 38.07 9.51 -3.59
N ILE A 501 39.18 9.21 -4.27
CA ILE A 501 39.61 7.82 -4.58
C ILE A 501 41.01 7.55 -4.01
N ASN A 502 41.09 6.67 -3.01
CA ASN A 502 42.34 6.32 -2.32
C ASN A 502 43.13 7.56 -1.89
N GLY A 503 42.47 8.45 -1.16
CA GLY A 503 43.10 9.66 -0.62
C GLY A 503 43.15 10.87 -1.53
N LYS A 504 43.09 10.65 -2.86
CA LYS A 504 43.18 11.71 -3.87
C LYS A 504 41.78 12.24 -4.23
N LYS A 505 41.62 13.57 -4.17
CA LYS A 505 40.36 14.23 -4.53
C LYS A 505 40.26 14.34 -6.05
N HIS A 506 39.08 14.11 -6.61
CA HIS A 506 38.83 14.39 -8.02
C HIS A 506 37.61 15.30 -8.09
N LEU A 507 37.87 16.58 -8.36
CA LEU A 507 36.81 17.60 -8.48
C LEU A 507 36.15 17.42 -9.84
N SER A 508 34.84 17.66 -9.88
CA SER A 508 34.02 17.35 -11.05
C SER A 508 32.76 18.25 -11.08
N ASP A 509 32.41 18.70 -12.28
CA ASP A 509 31.49 19.84 -12.47
C ASP A 509 30.04 19.37 -12.71
N ILE A 510 29.10 20.06 -12.06
CA ILE A 510 27.68 19.69 -12.15
C ILE A 510 27.15 19.95 -13.58
N GLN A 511 26.88 18.87 -14.34
CA GLN A 511 26.22 19.00 -15.67
C GLN A 511 24.71 19.42 -15.59
N THR A 512 24.06 19.18 -14.44
CA THR A 512 22.63 19.46 -14.23
C THR A 512 22.27 19.51 -12.71
N GLY A 513 21.21 20.25 -12.38
CA GLY A 513 20.62 20.24 -11.01
C GLY A 513 19.64 19.10 -10.77
N ALA A 514 19.06 18.57 -11.85
CA ALA A 514 18.26 17.36 -11.82
C ALA A 514 19.00 16.16 -11.19
N SER A 515 18.22 15.15 -10.87
CA SER A 515 18.75 13.85 -10.46
C SER A 515 19.61 13.30 -11.60
N THR A 516 20.84 12.90 -11.29
CA THR A 516 21.74 12.41 -12.32
C THR A 516 22.68 11.32 -11.78
N TYR A 517 23.56 10.82 -12.65
CA TYR A 517 24.60 9.86 -12.29
C TYR A 517 25.97 10.47 -12.55
N LEU A 518 26.89 10.28 -11.60
CA LEU A 518 28.29 10.64 -11.73
C LEU A 518 29.05 9.37 -12.11
N PRO A 519 29.65 9.32 -13.33
CA PRO A 519 30.41 8.12 -13.70
C PRO A 519 31.82 8.15 -13.15
N ILE A 520 32.31 7.01 -12.68
CA ILE A 520 33.68 6.86 -12.21
C ILE A 520 34.15 5.54 -12.77
N ARG A 521 35.12 5.58 -13.68
CA ARG A 521 35.60 4.38 -14.34
C ARG A 521 37.06 4.15 -14.01
N ARG A 522 37.39 2.93 -13.59
CA ARG A 522 38.73 2.53 -13.21
C ARG A 522 38.82 1.04 -13.41
N LYS A 523 40.05 0.52 -13.44
CA LYS A 523 40.32 -0.90 -13.24
C LYS A 523 40.36 -1.16 -11.75
N TRP A 524 39.18 -1.22 -11.16
CA TRP A 524 39.04 -1.42 -9.71
C TRP A 524 39.79 -2.66 -9.23
N LYS A 525 40.46 -2.52 -8.08
CA LYS A 525 41.17 -3.63 -7.46
C LYS A 525 40.95 -3.65 -5.95
N LYS A 526 41.27 -4.79 -5.36
CA LYS A 526 41.11 -5.02 -3.91
C LYS A 526 41.81 -3.90 -3.14
N GLY A 527 41.12 -3.34 -2.16
CA GLY A 527 41.65 -2.21 -1.37
C GLY A 527 41.24 -0.81 -1.85
N ASP A 528 40.83 -0.65 -3.12
CA ASP A 528 40.33 0.65 -3.59
C ASP A 528 39.15 1.14 -2.75
N MSE A 529 39.03 2.47 -2.67
CA MSE A 529 38.12 3.16 -1.78
C MSE A 529 37.63 4.41 -2.43
O MSE A 529 38.43 5.27 -2.79
CB MSE A 529 38.94 3.48 -0.54
CG MSE A 529 38.09 3.99 0.64
SE MSE A 529 38.18 2.68 2.10
CE MSE A 529 40.14 2.51 2.30
N ILE A 530 36.32 4.52 -2.61
CA ILE A 530 35.68 5.70 -3.17
C ILE A 530 34.83 6.33 -2.08
N THR A 531 35.04 7.62 -1.83
CA THR A 531 34.33 8.35 -0.80
C THR A 531 33.66 9.57 -1.41
N PHE A 532 32.36 9.72 -1.14
CA PHE A 532 31.61 10.92 -1.55
C PHE A 532 30.70 11.36 -0.44
N HIS A 533 30.17 12.58 -0.59
CA HIS A 533 29.34 13.26 0.40
C HIS A 533 28.02 13.63 -0.28
N LEU A 534 26.91 13.49 0.44
CA LEU A 534 25.58 13.85 -0.05
C LEU A 534 25.08 15.04 0.77
N PRO A 535 25.21 16.26 0.24
CA PRO A 535 24.76 17.41 1.06
C PRO A 535 23.24 17.43 1.28
N MSE A 536 22.80 17.48 2.54
CA MSE A 536 21.39 17.45 2.90
C MSE A 536 20.99 18.83 3.30
O MSE A 536 21.72 19.48 4.04
CB MSE A 536 21.18 16.45 4.04
CG MSE A 536 21.53 15.03 3.54
SE MSE A 536 21.64 13.75 5.02
CE MSE A 536 19.69 13.50 5.23
N LYS A 537 19.82 19.28 2.84
CA LYS A 537 19.26 20.58 3.16
C LYS A 537 17.85 20.39 3.72
N VAL A 538 17.41 21.31 4.60
CA VAL A 538 16.00 21.40 4.99
C VAL A 538 15.17 21.89 3.81
N SER A 539 14.06 21.21 3.49
CA SER A 539 13.05 21.74 2.59
C SER A 539 11.67 21.65 3.23
N LEU A 540 10.76 22.41 2.66
CA LEU A 540 9.41 22.56 3.18
C LEU A 540 8.49 22.23 2.04
N GLU A 541 7.85 21.06 2.08
CA GLU A 541 7.02 20.53 0.98
C GLU A 541 5.54 20.77 1.25
N GLN A 542 4.91 21.50 0.36
CA GLN A 542 3.50 21.85 0.50
C GLN A 542 2.63 20.66 0.06
N ILE A 543 1.48 20.45 0.69
CA ILE A 543 0.47 19.50 0.21
C ILE A 543 0.18 19.80 -1.28
N PRO A 544 0.05 18.77 -2.14
CA PRO A 544 0.05 19.03 -3.59
C PRO A 544 -1.07 19.92 -4.17
N ASP A 545 -2.22 20.02 -3.52
CA ASP A 545 -3.28 20.93 -3.99
C ASP A 545 -3.03 22.38 -3.54
N LYS A 546 -1.89 22.68 -2.91
CA LYS A 546 -1.50 24.03 -2.53
C LYS A 546 -2.41 24.69 -1.48
N LYS A 547 -3.07 23.88 -0.65
CA LYS A 547 -3.69 24.40 0.56
C LYS A 547 -2.60 24.66 1.59
N ASP A 548 -3.00 25.19 2.73
CA ASP A 548 -2.09 25.69 3.75
C ASP A 548 -1.52 24.60 4.65
N TYR A 549 -0.86 23.60 4.08
CA TYR A 549 -0.27 22.52 4.88
C TYR A 549 1.11 22.19 4.31
N TYR A 550 2.08 22.04 5.21
CA TYR A 550 3.46 21.77 4.79
C TYR A 550 4.13 20.76 5.69
N ALA A 551 5.08 20.03 5.08
CA ALA A 551 5.89 19.05 5.79
C ALA A 551 7.36 19.46 5.64
N PHE A 552 8.14 19.18 6.68
CA PHE A 552 9.57 19.42 6.65
C PHE A 552 10.27 18.13 6.21
N LEU A 553 11.25 18.26 5.32
CA LEU A 553 12.19 17.21 5.00
C LEU A 553 13.62 17.68 5.23
N TYR A 554 14.50 16.71 5.51
CA TYR A 554 15.93 16.90 5.48
C TYR A 554 16.50 15.92 4.49
N GLY A 555 17.05 16.42 3.38
CA GLY A 555 17.39 15.51 2.28
C GLY A 555 16.12 14.79 1.91
N PRO A 556 16.13 13.44 1.78
CA PRO A 556 14.93 12.70 1.38
C PRO A 556 14.08 12.20 2.55
N ILE A 557 14.39 12.64 3.77
CA ILE A 557 13.76 12.13 4.99
C ILE A 557 12.67 13.08 5.52
N VAL A 558 11.46 12.56 5.65
CA VAL A 558 10.34 13.31 6.16
C VAL A 558 10.51 13.39 7.66
N LEU A 559 10.35 14.61 8.19
CA LEU A 559 10.44 14.83 9.63
C LEU A 559 9.04 14.91 10.19
N ALA A 560 8.92 14.70 11.50
CA ALA A 560 7.65 14.75 12.21
C ALA A 560 7.90 15.12 13.67
N THR A 561 6.85 15.52 14.36
CA THR A 561 6.96 15.81 15.78
C THR A 561 5.94 14.95 16.47
N SER A 562 6.24 14.61 17.72
CA SER A 562 5.42 13.78 18.56
C SER A 562 4.54 14.73 19.31
N THR A 563 3.23 14.64 19.14
CA THR A 563 2.32 15.63 19.75
C THR A 563 1.76 15.17 21.09
N GLY A 564 2.00 13.91 21.48
CA GLY A 564 1.49 13.39 22.74
C GLY A 564 1.29 11.89 22.68
N THR A 565 1.12 11.27 23.84
CA THR A 565 0.98 9.82 23.95
C THR A 565 -0.31 9.39 24.66
N GLU A 566 -1.31 10.26 24.76
CA GLU A 566 -2.61 9.87 25.34
C GLU A 566 -3.59 9.28 24.32
N ASN A 567 -4.48 8.41 24.80
CA ASN A 567 -5.62 7.92 24.02
C ASN A 567 -5.21 7.20 22.71
N LEU A 568 -4.16 6.41 22.81
CA LEU A 568 -3.66 5.62 21.72
C LEU A 568 -4.38 4.26 21.75
N ASP A 569 -5.72 4.30 21.67
CA ASP A 569 -6.54 3.10 21.85
C ASP A 569 -6.28 2.09 20.75
N GLY A 570 -6.15 0.82 21.12
CA GLY A 570 -5.89 -0.25 20.18
C GLY A 570 -4.61 -0.11 19.35
N ILE A 571 -3.60 0.54 19.90
CA ILE A 571 -2.35 0.75 19.18
C ILE A 571 -1.72 -0.57 18.73
N TYR A 572 -1.88 -1.60 19.54
CA TYR A 572 -1.63 -2.98 19.10
C TYR A 572 -2.97 -3.69 18.93
N ALA A 573 -3.28 -4.03 17.69
CA ALA A 573 -4.64 -4.48 17.32
C ALA A 573 -5.02 -5.83 17.86
N ASP A 574 -6.31 -5.97 18.22
CA ASP A 574 -6.93 -7.27 18.46
C ASP A 574 -7.42 -7.82 17.12
N ASP A 575 -8.23 -8.89 17.12
CA ASP A 575 -8.67 -9.50 15.83
C ASP A 575 -10.00 -8.98 15.29
N SER A 576 -10.54 -7.91 15.87
CA SER A 576 -11.83 -7.38 15.47
C SER A 576 -11.79 -6.82 14.04
N ARG A 577 -12.93 -6.86 13.39
CA ARG A 577 -13.11 -6.08 12.18
C ARG A 577 -13.03 -4.59 12.51
N GLY A 578 -12.25 -3.86 11.74
CA GLY A 578 -11.98 -2.45 12.02
C GLY A 578 -10.80 -2.20 12.94
N GLY A 579 -10.13 -3.27 13.38
CA GLY A 579 -9.00 -3.15 14.30
C GLY A 579 -7.73 -2.54 13.71
N HIS A 580 -7.63 -2.51 12.37
CA HIS A 580 -6.59 -1.83 11.64
C HIS A 580 -6.64 -0.29 11.70
N ILE A 581 -7.75 0.25 12.19
CA ILE A 581 -8.03 1.68 12.21
C ILE A 581 -7.71 2.28 13.58
N ALA A 582 -7.08 3.45 13.60
CA ALA A 582 -6.88 4.14 14.88
C ALA A 582 -8.17 4.85 15.32
N HIS A 583 -8.97 4.16 16.14
CA HIS A 583 -10.26 4.69 16.61
C HIS A 583 -10.18 5.56 17.86
N GLY A 584 -9.00 5.80 18.39
CA GLY A 584 -8.84 6.61 19.59
C GLY A 584 -9.29 8.05 19.40
N ARG A 585 -9.50 8.71 20.53
CA ARG A 585 -10.01 10.10 20.52
C ARG A 585 -9.34 11.01 19.45
N GLN A 586 -10.14 11.73 18.71
CA GLN A 586 -9.63 12.72 17.75
C GLN A 586 -9.37 14.05 18.46
N THR A 587 -8.17 14.62 18.23
CA THR A 587 -7.78 15.92 18.75
C THR A 587 -8.15 17.01 17.75
N PRO A 588 -8.88 18.04 18.23
CA PRO A 588 -9.18 19.17 17.33
C PRO A 588 -7.90 19.78 16.76
N LEU A 589 -7.89 20.17 15.49
CA LEU A 589 -6.68 20.72 14.86
C LEU A 589 -6.13 21.99 15.53
N GLN A 590 -7.01 22.79 16.13
CA GLN A 590 -6.57 23.97 16.89
C GLN A 590 -5.73 23.66 18.14
N GLU A 591 -5.73 22.40 18.61
CA GLU A 591 -4.86 21.98 19.69
C GLU A 591 -3.52 21.46 19.18
N ILE A 592 -3.33 21.36 17.88
CA ILE A 592 -2.08 20.90 17.29
C ILE A 592 -1.27 22.12 16.82
N PRO A 593 0.06 22.10 16.99
CA PRO A 593 0.89 23.20 16.52
C PRO A 593 0.67 23.53 15.07
N MSE A 594 0.35 24.81 14.82
CA MSE A 594 0.21 25.39 13.49
C MSE A 594 1.34 26.37 13.36
O MSE A 594 1.71 27.02 14.34
CB MSE A 594 -1.18 26.04 13.44
CG MSE A 594 -1.30 27.05 12.32
SE MSE A 594 -3.16 27.63 12.16
CE MSE A 594 -3.15 28.93 13.62
N LEU A 595 1.88 26.50 12.15
CA LEU A 595 3.08 27.32 11.90
C LEU A 595 2.64 28.69 11.40
N ILE A 596 3.02 29.75 12.12
CA ILE A 596 2.61 31.11 11.76
C ILE A 596 3.73 31.78 10.96
N GLY A 597 3.40 32.31 9.80
CA GLY A 597 4.36 33.05 9.00
C GLY A 597 4.31 32.57 7.58
N ASN A 598 5.26 33.04 6.78
CA ASN A 598 5.31 32.69 5.36
C ASN A 598 6.25 31.51 5.17
N PRO A 599 6.05 30.73 4.09
CA PRO A 599 6.85 29.49 3.93
C PRO A 599 8.38 29.62 3.97
N ASP A 600 8.93 30.67 3.36
CA ASP A 600 10.39 30.84 3.42
C ASP A 600 10.91 31.08 4.85
N SER A 601 10.22 31.90 5.64
CA SER A 601 10.62 32.08 7.07
C SER A 601 10.48 30.81 7.90
N ILE A 602 9.39 30.09 7.67
CA ILE A 602 9.15 28.81 8.34
C ILE A 602 10.29 27.82 8.02
N ARG A 603 10.64 27.72 6.76
CA ARG A 603 11.73 26.82 6.38
C ARG A 603 13.00 27.17 7.12
N HIS A 604 13.31 28.47 7.20
CA HIS A 604 14.55 28.94 7.81
C HIS A 604 14.57 28.85 9.34
N SER A 605 13.41 28.65 9.97
CA SER A 605 13.32 28.58 11.43
C SER A 605 13.57 27.19 11.96
N LEU A 606 13.74 26.19 11.07
CA LEU A 606 14.06 24.85 11.49
C LEU A 606 15.55 24.68 11.61
N HIS A 607 16.05 24.29 12.78
CA HIS A 607 17.51 24.20 13.01
C HIS A 607 17.94 22.81 13.47
N LYS A 608 19.03 22.33 12.88
CA LYS A 608 19.56 20.99 13.19
C LYS A 608 20.26 20.96 14.56
N LEU A 609 19.86 20.02 15.43
CA LEU A 609 20.47 19.85 16.74
C LEU A 609 21.76 19.01 16.57
N SER A 610 22.72 19.15 17.47
CA SER A 610 23.97 18.40 17.33
C SER A 610 23.73 17.01 17.87
N GLY A 611 24.55 16.07 17.48
CA GLY A 611 24.35 14.66 17.84
C GLY A 611 24.54 13.85 16.60
N SER A 612 24.68 12.54 16.77
CA SER A 612 24.90 11.65 15.64
C SER A 612 23.61 11.15 15.01
N LYS A 613 22.44 11.58 15.51
CA LYS A 613 21.14 11.18 14.97
C LYS A 613 20.40 12.42 14.55
N LEU A 614 19.66 12.33 13.46
CA LEU A 614 18.89 13.48 12.96
C LEU A 614 17.87 13.94 13.99
N ALA A 615 17.93 15.23 14.33
CA ALA A 615 16.93 15.86 15.18
C ALA A 615 17.02 17.35 14.93
N PHE A 616 15.90 18.03 15.07
CA PHE A 616 15.75 19.43 14.72
C PHE A 616 14.84 20.14 15.72
N SER A 617 15.05 21.43 15.92
CA SER A 617 14.10 22.24 16.69
C SER A 617 13.49 23.31 15.79
N TYR A 618 12.20 23.54 15.97
CA TYR A 618 11.50 24.56 15.25
C TYR A 618 11.49 25.82 16.12
N ASP A 619 12.17 26.88 15.67
CA ASP A 619 12.40 28.09 16.46
C ASP A 619 11.55 29.29 16.04
N GLY A 620 10.35 29.02 15.52
CA GLY A 620 9.51 30.05 14.93
C GLY A 620 8.25 30.07 15.75
N ASN A 621 7.30 30.89 15.35
CA ASN A 621 6.06 31.03 16.08
C ASN A 621 5.15 29.86 15.78
N VAL A 622 4.67 29.23 16.84
CA VAL A 622 3.79 28.08 16.77
C VAL A 622 2.55 28.43 17.59
N TYR A 623 1.36 28.13 17.04
CA TYR A 623 0.10 28.29 17.78
C TYR A 623 -0.67 26.95 17.86
N PRO A 624 -1.03 26.45 19.05
CA PRO A 624 -0.65 27.00 20.37
C PRO A 624 0.76 26.54 20.71
N THR A 625 1.46 27.29 21.56
CA THR A 625 2.84 26.94 21.95
C THR A 625 2.81 25.71 22.89
N GLN A 626 3.70 24.74 22.66
CA GLN A 626 3.58 23.37 23.25
C GLN A 626 4.03 23.23 24.72
N SER A 630 9.17 24.82 22.67
CA SER A 630 9.67 24.59 21.33
C SER A 630 9.34 23.18 20.80
N LEU A 631 9.30 23.04 19.48
CA LEU A 631 9.02 21.76 18.80
C LEU A 631 10.30 21.06 18.42
N GLU A 632 10.39 19.76 18.71
CA GLU A 632 11.48 18.90 18.23
C GLU A 632 10.93 17.97 17.12
N LEU A 633 11.69 17.88 16.03
CA LEU A 633 11.30 17.06 14.89
C LEU A 633 12.37 16.02 14.67
N ILE A 634 11.94 14.80 14.38
CA ILE A 634 12.82 13.67 14.11
C ILE A 634 12.33 12.96 12.86
N PRO A 635 13.13 12.03 12.33
CA PRO A 635 12.64 11.28 11.17
C PRO A 635 11.36 10.55 11.49
N PHE A 636 10.35 10.69 10.63
CA PHE A 636 9.07 10.03 10.80
C PHE A 636 9.25 8.50 10.94
N PHE A 637 10.24 7.93 10.27
CA PHE A 637 10.45 6.48 10.38
C PHE A 637 10.93 6.05 11.75
N ARG A 638 11.40 6.97 12.60
CA ARG A 638 11.70 6.64 14.01
C ARG A 638 10.63 7.06 15.01
N LEU A 639 9.50 7.56 14.52
CA LEU A 639 8.49 8.09 15.39
C LEU A 639 7.43 7.00 15.54
N HIS A 640 7.35 6.41 16.72
CA HIS A 640 6.47 5.27 16.99
C HIS A 640 5.83 5.42 18.33
N ASN A 641 4.70 4.73 18.52
CA ASN A 641 3.96 4.67 19.79
C ASN A 641 3.62 6.06 20.29
N SER A 642 3.20 6.92 19.36
CA SER A 642 2.74 8.25 19.73
C SER A 642 1.98 8.94 18.61
N ARG A 643 1.23 9.96 19.00
CA ARG A 643 0.58 10.85 18.05
C ARG A 643 1.65 11.73 17.38
N TYR A 644 1.38 12.22 16.19
CA TYR A 644 2.38 12.96 15.45
C TYR A 644 1.75 13.90 14.47
N ALA A 645 2.57 14.83 13.99
CA ALA A 645 2.26 15.58 12.80
C ALA A 645 3.45 15.47 11.86
N VAL A 646 3.11 15.23 10.59
CA VAL A 646 4.04 15.30 9.46
C VAL A 646 3.72 16.60 8.74
N TYR A 647 2.50 16.71 8.22
CA TYR A 647 2.01 17.97 7.68
C TYR A 647 1.57 18.84 8.86
N PHE A 648 2.01 20.09 8.84
CA PHE A 648 1.54 21.10 9.78
C PHE A 648 0.63 22.05 9.03
N ARG A 649 -0.48 22.42 9.66
CA ARG A 649 -1.24 23.56 9.19
C ARG A 649 -0.36 24.82 9.31
N GLN A 650 -0.50 25.70 8.34
CA GLN A 650 0.24 26.95 8.25
C GLN A 650 -0.77 28.08 8.13
N ALA A 651 -0.43 29.24 8.68
CA ALA A 651 -1.28 30.44 8.63
C ALA A 651 -0.42 31.65 8.45
N SER A 652 -0.73 32.47 7.44
CA SER A 652 -0.10 33.76 7.30
C SER A 652 -0.49 34.66 8.49
N GLU A 653 0.42 35.55 8.87
CA GLU A 653 0.09 36.57 9.90
C GLU A 653 -1.23 37.32 9.57
N GLU A 654 -1.43 37.59 8.30
CA GLU A 654 -2.56 38.38 7.81
C GLU A 654 -3.89 37.61 7.93
N GLN A 655 -3.87 36.32 7.59
CA GLN A 655 -5.08 35.54 7.57
C GLN A 655 -5.31 34.77 8.87
N PHE A 656 -4.46 34.95 9.88
CA PHE A 656 -4.52 34.22 11.13
C PHE A 656 -5.90 34.21 11.75
N LYS A 657 -6.50 35.39 11.84
CA LYS A 657 -7.77 35.54 12.54
C LYS A 657 -8.87 34.67 11.92
N THR A 658 -9.03 34.73 10.61
CA THR A 658 -10.06 33.96 9.94
C THR A 658 -9.74 32.45 9.94
N ILE A 659 -8.49 32.07 9.75
CA ILE A 659 -8.08 30.65 9.84
C ILE A 659 -8.30 30.04 11.24
N GLN A 660 -7.91 30.75 12.31
CA GLN A 660 -8.10 30.25 13.67
C GLN A 660 -9.60 30.13 14.01
N GLU A 661 -10.39 31.15 13.63
CA GLU A 661 -11.82 31.11 13.85
C GLU A 661 -12.49 29.89 13.16
N GLU A 662 -12.11 29.56 11.94
CA GLU A 662 -12.61 28.34 11.27
C GLU A 662 -12.25 27.07 12.07
N MSE A 663 -11.02 27.01 12.58
CA MSE A 663 -10.57 25.87 13.39
C MSE A 663 -11.33 25.81 14.69
O MSE A 663 -11.69 24.71 15.18
CB MSE A 663 -9.04 25.88 13.58
CG MSE A 663 -8.35 25.71 12.23
SE MSE A 663 -6.44 26.23 12.21
CE MSE A 663 -5.65 24.52 12.82
N ALA A 664 -11.59 26.98 15.28
CA ALA A 664 -12.20 27.06 16.62
C ALA A 664 -13.69 26.77 16.62
N THR A 665 -14.32 26.82 15.46
CA THR A 665 -15.76 26.62 15.32
C THR A 665 -16.02 25.40 14.42
N ALA A 666 -15.85 25.50 13.09
CA ALA A 666 -16.23 24.40 12.19
C ALA A 666 -15.40 23.11 12.40
N GLU A 667 -14.06 23.22 12.39
CA GLU A 667 -13.24 22.01 12.60
C GLU A 667 -13.46 21.46 14.01
N ARG A 668 -13.46 22.31 15.04
CA ARG A 668 -13.82 21.86 16.39
C ARG A 668 -15.14 21.06 16.43
N LYS A 669 -16.20 21.57 15.80
CA LYS A 669 -17.48 20.81 15.75
C LYS A 669 -17.36 19.45 15.00
N ALA A 670 -16.58 19.41 13.91
CA ALA A 670 -16.42 18.14 13.17
C ALA A 670 -15.71 17.10 14.05
N THR A 671 -14.79 17.57 14.90
CA THR A 671 -14.08 16.69 15.83
C THR A 671 -15.01 16.22 16.96
N GLU A 672 -15.82 17.13 17.50
CA GLU A 672 -16.93 16.75 18.42
C GLU A 672 -17.83 15.69 17.82
N LEU A 673 -18.24 15.85 16.57
CA LEU A 673 -19.02 14.82 15.88
C LEU A 673 -18.32 13.43 15.85
N ALA A 674 -17.05 13.41 15.44
CA ALA A 674 -16.25 12.20 15.42
C ALA A 674 -16.17 11.54 16.79
N ASN A 675 -15.93 12.34 17.82
CA ASN A 675 -15.76 11.81 19.15
C ASN A 675 -17.12 11.42 19.81
N ARG A 676 -18.25 11.85 19.21
CA ARG A 676 -19.58 11.32 19.60
C ARG A 676 -20.00 10.06 18.82
N THR A 677 -19.20 9.63 17.85
CA THR A 677 -19.61 8.54 16.95
C THR A 677 -19.30 7.19 17.59
N VAL A 678 -20.30 6.33 17.66
CA VAL A 678 -20.17 4.98 18.18
C VAL A 678 -19.81 4.01 17.05
N ASP A 679 -20.42 4.17 15.88
CA ASP A 679 -20.08 3.35 14.71
C ASP A 679 -20.32 4.17 13.44
N LEU A 680 -19.61 3.80 12.39
CA LEU A 680 -19.57 4.60 11.18
C LEU A 680 -19.35 3.66 10.01
N ILE A 681 -20.22 3.76 9.01
CA ILE A 681 -20.10 2.99 7.78
C ILE A 681 -20.11 3.92 6.57
N PHE A 682 -19.21 3.67 5.61
CA PHE A 682 -19.23 4.35 4.30
C PHE A 682 -19.73 3.38 3.20
N PRO A 683 -21.04 3.45 2.87
CA PRO A 683 -21.59 2.57 1.82
C PRO A 683 -20.92 2.80 0.49
N GLY A 684 -20.78 1.74 -0.28
CA GLY A 684 -20.01 1.78 -1.50
C GLY A 684 -18.50 1.69 -1.31
N GLU A 685 -17.99 1.67 -0.09
CA GLU A 685 -16.54 1.51 0.13
C GLU A 685 -16.33 0.10 0.68
N GLN A 686 -15.55 -0.72 -0.05
CA GLN A 686 -15.48 -2.18 0.23
C GLN A 686 -15.09 -2.59 1.64
N GLN A 687 -14.05 -1.95 2.20
CA GLN A 687 -13.61 -2.40 3.52
C GLN A 687 -14.56 -2.04 4.67
N PRO A 688 -15.05 -0.79 4.74
CA PRO A 688 -16.10 -0.50 5.75
C PRO A 688 -17.32 -1.42 5.62
N GLU A 689 -17.72 -1.71 4.38
CA GLU A 689 -18.83 -2.60 4.10
C GLU A 689 -18.56 -4.01 4.54
N SER A 690 -17.39 -4.52 4.17
CA SER A 690 -16.98 -5.86 4.59
C SER A 690 -16.87 -5.95 6.12
N ASP A 691 -16.29 -4.93 6.75
CA ASP A 691 -16.13 -4.91 8.19
C ASP A 691 -17.47 -4.88 8.94
N HIS A 692 -18.56 -4.44 8.29
CA HIS A 692 -19.90 -4.42 8.91
C HIS A 692 -20.86 -5.48 8.28
N SER A 693 -20.30 -6.54 7.68
CA SER A 693 -21.07 -7.73 7.24
C SER A 693 -22.18 -7.38 6.23
N ILE A 694 -21.78 -6.65 5.20
CA ILE A 694 -22.67 -6.20 4.15
C ILE A 694 -23.39 -7.42 3.58
N GLN A 695 -24.71 -7.29 3.43
CA GLN A 695 -25.53 -8.17 2.59
C GLN A 695 -26.44 -7.32 1.73
N TYR A 696 -26.84 -7.85 0.58
CA TYR A 696 -27.69 -7.12 -0.33
C TYR A 696 -28.34 -7.98 -1.41
N GLU A 697 -29.35 -7.41 -2.03
CA GLU A 697 -29.99 -7.97 -3.20
C GLU A 697 -30.38 -6.80 -4.12
N ALA A 698 -30.07 -6.96 -5.41
CA ALA A 698 -30.33 -5.96 -6.46
C ALA A 698 -29.85 -4.57 -6.01
N SER A 699 -28.53 -4.46 -5.84
CA SER A 699 -27.87 -3.25 -5.31
C SER A 699 -26.76 -2.80 -6.26
N GLU A 700 -26.47 -1.51 -6.24
CA GLU A 700 -25.35 -0.96 -6.94
C GLU A 700 -24.64 0.06 -6.05
N THR A 701 -23.40 0.35 -6.39
CA THR A 701 -22.59 1.36 -5.74
C THR A 701 -22.15 2.36 -6.80
N GLY A 702 -21.63 3.49 -6.36
CA GLY A 702 -21.05 4.48 -7.26
C GLY A 702 -20.45 5.64 -6.46
N THR A 703 -20.14 6.71 -7.16
CA THR A 703 -19.56 7.91 -6.59
C THR A 703 -20.32 9.08 -7.17
N HIS A 704 -20.48 10.12 -6.36
CA HIS A 704 -21.10 11.33 -6.82
C HIS A 704 -20.58 12.42 -5.93
N LYS A 705 -20.12 13.52 -6.55
CA LYS A 705 -19.49 14.61 -5.81
C LYS A 705 -18.44 14.10 -4.84
N ASP A 706 -17.63 13.13 -5.31
CA ASP A 706 -16.52 12.53 -4.53
C ASP A 706 -16.91 11.69 -3.29
N ARG A 707 -18.19 11.45 -3.01
CA ARG A 707 -18.59 10.57 -1.93
C ARG A 707 -19.15 9.31 -2.56
N HIS A 708 -18.91 8.18 -1.91
CA HIS A 708 -19.46 6.90 -2.36
C HIS A 708 -20.88 6.67 -1.79
N PHE A 709 -21.66 5.87 -2.53
CA PHE A 709 -22.98 5.45 -2.06
C PHE A 709 -23.23 3.99 -2.38
N ARG A 710 -24.20 3.44 -1.65
CA ARG A 710 -24.90 2.24 -2.06
C ARG A 710 -26.42 2.57 -2.13
N ARG A 711 -27.10 1.88 -3.05
CA ARG A 711 -28.56 1.81 -3.07
C ARG A 711 -28.99 0.47 -3.60
N ALA A 712 -30.29 0.20 -3.55
CA ALA A 712 -30.82 -1.09 -3.98
C ALA A 712 -32.29 -1.00 -4.36
N LYS A 713 -32.68 -1.89 -5.29
CA LYS A 713 -34.06 -2.12 -5.64
C LYS A 713 -34.62 -3.20 -4.73
N GLY A 714 -33.75 -4.09 -4.22
CA GLY A 714 -34.13 -5.09 -3.24
C GLY A 714 -33.93 -4.53 -1.85
N TRP A 715 -32.71 -4.66 -1.37
CA TRP A 715 -32.34 -4.20 -0.03
C TRP A 715 -30.81 -4.31 0.17
N PHE A 716 -30.31 -3.61 1.18
CA PHE A 716 -28.95 -3.83 1.66
C PHE A 716 -28.91 -3.63 3.15
N SER A 717 -28.03 -4.36 3.83
CA SER A 717 -27.95 -4.35 5.27
C SER A 717 -26.50 -4.39 5.77
N TYR A 718 -26.33 -3.97 7.03
CA TYR A 718 -25.09 -4.11 7.78
C TYR A 718 -25.40 -4.47 9.23
N ASN A 719 -24.37 -4.93 9.95
CA ASN A 719 -24.39 -4.98 11.43
C ASN A 719 -23.66 -3.77 12.01
N LEU A 720 -24.36 -2.99 12.81
CA LEU A 720 -23.75 -1.93 13.56
C LEU A 720 -23.06 -2.57 14.77
N LYS A 721 -21.81 -2.17 15.02
CA LYS A 721 -21.04 -2.54 16.21
C LYS A 721 -21.21 -1.42 17.25
N ILE A 722 -21.90 -1.74 18.36
CA ILE A 722 -22.31 -0.76 19.37
C ILE A 722 -21.45 -0.95 20.63
N LYS A 723 -20.34 -0.23 20.70
CA LYS A 723 -19.40 -0.31 21.82
C LYS A 723 -19.95 0.40 23.06
N GLU A 724 -20.61 1.55 22.86
CA GLU A 724 -21.31 2.30 23.90
C GLU A 724 -22.76 2.50 23.44
N GLU A 725 -23.67 2.69 24.38
CA GLU A 725 -25.08 2.95 24.02
C GLU A 725 -25.25 4.11 23.06
N ALA A 726 -26.05 3.93 22.01
CA ALA A 726 -26.27 4.98 21.02
C ALA A 726 -27.71 5.52 21.07
N SER A 727 -27.86 6.85 20.97
CA SER A 727 -29.19 7.49 20.97
C SER A 727 -29.62 8.04 19.62
N GLN A 728 -28.72 8.18 18.65
CA GLN A 728 -29.08 8.76 17.33
C GLN A 728 -28.46 8.05 16.16
N LEU A 729 -29.17 8.09 15.05
CA LEU A 729 -28.71 7.51 13.79
C LEU A 729 -28.73 8.65 12.82
N MSE A 730 -27.59 8.86 12.18
CA MSE A 730 -27.43 9.91 11.19
C MSE A 730 -27.13 9.28 9.85
O MSE A 730 -26.22 8.48 9.71
CB MSE A 730 -26.34 10.88 11.61
CG MSE A 730 -26.25 12.10 10.69
SE MSE A 730 -24.74 13.26 11.23
CE MSE A 730 -23.34 12.55 10.07
N ILE A 731 -27.91 9.69 8.85
CA ILE A 731 -27.86 9.13 7.48
C ILE A 731 -27.64 10.28 6.51
N THR A 732 -26.67 10.13 5.61
CA THR A 732 -26.39 11.17 4.63
C THR A 732 -26.92 10.73 3.25
N VAL A 733 -27.74 11.59 2.64
CA VAL A 733 -28.31 11.39 1.30
C VAL A 733 -28.13 12.67 0.47
N ARG A 734 -28.36 12.61 -0.86
CA ARG A 734 -28.42 13.85 -1.67
C ARG A 734 -29.82 14.48 -1.64
N GLN A 735 -29.87 15.80 -1.47
CA GLN A 735 -31.13 16.54 -1.44
C GLN A 735 -32.05 16.23 -2.62
N GLU A 736 -31.50 16.28 -3.83
CA GLU A 736 -32.30 16.11 -5.05
C GLU A 736 -32.65 14.64 -5.39
N ASP A 737 -32.21 13.65 -4.60
CA ASP A 737 -32.58 12.22 -4.82
C ASP A 737 -34.05 12.05 -4.44
N ARG A 738 -34.86 11.64 -5.40
CA ARG A 738 -36.30 11.40 -5.18
C ARG A 738 -36.56 10.02 -4.57
N ASN A 739 -35.55 9.15 -4.59
CA ASN A 739 -35.70 7.84 -3.96
C ASN A 739 -35.65 7.94 -2.44
N LYS A 740 -36.45 7.11 -1.78
CA LYS A 740 -36.57 7.06 -0.33
C LYS A 740 -36.28 5.65 0.19
N ALA A 741 -35.75 5.58 1.42
CA ALA A 741 -35.46 4.32 2.10
C ALA A 741 -36.30 4.15 3.33
N VAL A 742 -36.85 2.96 3.51
CA VAL A 742 -37.32 2.46 4.80
C VAL A 742 -36.07 1.97 5.54
N ILE A 743 -35.98 2.30 6.83
CA ILE A 743 -34.91 1.83 7.69
C ILE A 743 -35.46 0.82 8.71
N LEU A 744 -34.85 -0.37 8.75
CA LEU A 744 -35.16 -1.37 9.78
C LEU A 744 -33.98 -1.52 10.69
N LEU A 745 -34.24 -1.59 11.99
CA LEU A 745 -33.22 -1.82 13.01
C LEU A 745 -33.66 -3.09 13.73
N ASN A 746 -32.81 -4.12 13.70
CA ASN A 746 -33.16 -5.50 14.07
C ASN A 746 -34.57 -5.91 13.63
N ASN A 747 -34.84 -5.67 12.35
CA ASN A 747 -36.10 -5.93 11.73
C ASN A 747 -37.31 -5.12 12.21
N GLU A 748 -37.11 -4.10 13.04
CA GLU A 748 -38.21 -3.19 13.41
C GLU A 748 -38.09 -1.93 12.57
N LYS A 749 -39.16 -1.54 11.85
CA LYS A 749 -39.16 -0.30 11.07
C LYS A 749 -38.94 0.89 11.99
N LEU A 750 -37.97 1.74 11.64
CA LEU A 750 -37.73 3.01 12.31
C LEU A 750 -38.73 4.06 11.76
N THR A 751 -39.72 4.43 12.57
CA THR A 751 -40.80 5.32 12.13
C THR A 751 -40.67 6.75 12.64
N VAL A 752 -39.74 7.00 13.55
CA VAL A 752 -39.38 8.35 13.95
C VAL A 752 -39.12 9.27 12.73
N HIS A 753 -39.55 10.53 12.83
CA HIS A 753 -39.31 11.57 11.83
C HIS A 753 -37.88 12.13 12.01
N PRO A 754 -37.04 12.11 10.95
CA PRO A 754 -35.71 12.69 11.12
C PRO A 754 -35.70 14.22 11.12
N THR A 755 -34.77 14.82 11.85
CA THR A 755 -34.33 16.20 11.64
C THR A 755 -33.53 16.22 10.35
N VAL A 756 -33.72 17.25 9.54
CA VAL A 756 -33.11 17.34 8.22
C VAL A 756 -32.22 18.56 8.23
N SER A 757 -30.91 18.37 8.08
CA SER A 757 -29.98 19.47 7.97
C SER A 757 -30.24 20.30 6.71
N LYS A 758 -29.74 21.54 6.74
CA LYS A 758 -29.51 22.32 5.52
C LYS A 758 -28.50 21.57 4.67
N ALA A 759 -28.62 21.68 3.35
CA ALA A 759 -27.67 21.08 2.41
C ALA A 759 -26.35 21.77 2.46
N ASP A 760 -25.27 21.01 2.31
CA ASP A 760 -23.94 21.59 2.12
C ASP A 760 -23.74 22.05 0.65
N LYS A 761 -22.52 22.50 0.33
CA LYS A 761 -22.14 23.04 -0.99
C LYS A 761 -22.40 22.04 -2.12
N ASP A 762 -22.21 20.77 -1.82
CA ASP A 762 -22.33 19.73 -2.84
C ASP A 762 -23.71 19.12 -2.96
N GLY A 763 -24.65 19.51 -2.10
CA GLY A 763 -26.05 19.06 -2.20
C GLY A 763 -26.42 17.90 -1.28
N PHE A 764 -25.59 17.64 -0.26
CA PHE A 764 -25.81 16.53 0.68
C PHE A 764 -26.51 17.05 1.89
N ILE A 765 -27.44 16.26 2.43
CA ILE A 765 -28.12 16.54 3.70
C ILE A 765 -27.98 15.36 4.66
N ARG A 766 -28.06 15.68 5.95
CA ARG A 766 -28.08 14.70 7.01
C ARG A 766 -29.48 14.55 7.53
N LEU A 767 -29.89 13.28 7.69
CA LEU A 767 -31.14 12.86 8.33
C LEU A 767 -30.76 12.34 9.70
N CYS A 768 -31.19 13.03 10.75
N CYS A 768 -31.15 13.05 10.76
CA CYS A 768 -30.89 12.63 12.13
CA CYS A 768 -30.84 12.61 12.14
C CYS A 768 -32.13 12.07 12.81
C CYS A 768 -32.10 12.08 12.83
N TYR A 769 -32.10 10.77 13.10
CA TYR A 769 -33.19 10.08 13.78
C TYR A 769 -32.87 9.93 15.26
N LEU A 770 -33.68 10.53 16.11
CA LEU A 770 -33.53 10.33 17.56
C LEU A 770 -34.27 9.04 17.87
N LEU A 771 -33.52 8.01 18.27
CA LEU A 771 -34.11 6.68 18.42
C LEU A 771 -35.13 6.62 19.58
N PRO A 772 -36.24 5.87 19.41
CA PRO A 772 -37.25 5.83 20.49
C PRO A 772 -36.65 5.26 21.79
N ARG A 773 -35.80 4.24 21.65
CA ARG A 773 -35.04 3.65 22.72
C ARG A 773 -33.56 3.66 22.31
N LYS A 774 -32.69 3.82 23.29
CA LYS A 774 -31.25 3.77 23.03
C LYS A 774 -30.85 2.35 22.61
N LEU A 775 -29.99 2.23 21.60
CA LEU A 775 -29.45 0.93 21.21
C LEU A 775 -28.51 0.46 22.29
N LYS A 776 -28.74 -0.75 22.80
CA LYS A 776 -27.92 -1.31 23.87
C LYS A 776 -26.63 -1.92 23.29
N VAL A 777 -25.59 -1.98 24.12
CA VAL A 777 -24.29 -2.52 23.73
C VAL A 777 -24.43 -3.89 23.07
N GLY A 778 -23.70 -4.07 21.98
CA GLY A 778 -23.71 -5.31 21.23
C GLY A 778 -23.70 -4.98 19.74
N SER A 779 -24.44 -5.79 19.00
CA SER A 779 -24.55 -5.74 17.56
C SER A 779 -26.04 -5.45 17.24
N CYS A 780 -26.33 -4.85 16.09
CA CYS A 780 -27.70 -4.58 15.67
C CYS A 780 -27.73 -4.48 14.15
N GLU A 781 -28.59 -5.25 13.49
CA GLU A 781 -28.74 -5.16 12.04
C GLU A 781 -29.39 -3.83 11.64
N ILE A 782 -28.86 -3.19 10.59
CA ILE A 782 -29.55 -2.07 9.97
C ILE A 782 -29.79 -2.45 8.51
N LEU A 783 -31.05 -2.32 8.10
CA LEU A 783 -31.47 -2.69 6.75
C LEU A 783 -32.24 -1.56 6.08
N PHE A 784 -31.86 -1.32 4.82
CA PHE A 784 -32.44 -0.30 3.94
C PHE A 784 -33.21 -1.00 2.81
N LYS A 785 -34.47 -0.58 2.60
CA LYS A 785 -35.42 -1.12 1.60
C LYS A 785 -36.05 0.08 0.89
N PRO A 786 -36.46 -0.07 -0.38
CA PRO A 786 -37.12 1.05 -1.05
C PRO A 786 -38.46 1.41 -0.35
N ASP A 787 -38.78 2.69 -0.24
CA ASP A 787 -40.04 3.13 0.38
C ASP A 787 -41.00 3.63 -0.70
N GLY A 788 -41.58 2.70 -1.43
CA GLY A 788 -42.38 3.05 -2.61
C GLY A 788 -41.60 3.35 -3.89
N THR A 789 -40.49 4.06 -3.79
CA THR A 789 -39.73 4.46 -5.00
C THR A 789 -38.97 3.28 -5.60
N GLU A 790 -38.46 3.43 -6.82
CA GLU A 790 -37.78 2.32 -7.50
C GLU A 790 -36.59 1.83 -6.70
N TRP A 791 -35.82 2.78 -6.15
CA TRP A 791 -34.65 2.48 -5.35
C TRP A 791 -34.85 2.96 -3.92
N THR A 792 -33.98 2.48 -3.05
CA THR A 792 -33.67 3.22 -1.83
C THR A 792 -33.06 4.55 -2.23
N SER A 793 -33.05 5.49 -1.30
CA SER A 793 -32.12 6.60 -1.44
C SER A 793 -30.70 6.02 -1.58
N ALA A 794 -29.88 6.79 -2.29
CA ALA A 794 -28.44 6.55 -2.33
C ALA A 794 -27.88 7.05 -0.99
N VAL A 795 -27.32 6.13 -0.20
CA VAL A 795 -26.89 6.42 1.18
C VAL A 795 -25.39 6.57 1.16
N TYR A 796 -24.89 7.73 1.60
CA TYR A 796 -23.49 8.09 1.51
C TYR A 796 -22.72 7.95 2.80
N GLU A 797 -23.43 7.81 3.90
CA GLU A 797 -22.84 7.59 5.19
C GLU A 797 -23.92 7.12 6.17
N VAL A 798 -23.57 6.17 7.01
CA VAL A 798 -24.36 5.74 8.16
C VAL A 798 -23.50 5.95 9.39
N ARG A 799 -23.98 6.78 10.30
CA ARG A 799 -23.24 7.15 11.52
C ARG A 799 -24.14 7.00 12.74
N LEU A 800 -23.71 6.19 13.68
CA LEU A 800 -24.38 5.98 14.92
C LEU A 800 -23.72 6.85 16.03
N LEU A 801 -24.52 7.59 16.77
CA LEU A 801 -24.02 8.58 17.71
C LEU A 801 -24.54 8.34 19.13
N LYS A 802 -23.73 8.68 20.12
CA LYS A 802 -24.10 8.62 21.55
C LYS A 802 -25.31 9.50 21.81
O5 AHR B . -9.78 -6.24 -0.88
C5 AHR B . -8.47 -6.79 -0.62
C4 AHR B . -7.54 -5.75 0.01
O4 AHR B . -8.03 -5.38 1.34
C3 AHR B . -7.42 -4.42 -0.79
O3 AHR B . -6.48 -4.35 -1.86
C2 AHR B . -7.25 -3.48 0.42
O2 AHR B . -7.37 -2.09 0.27
C1 AHR B . -8.53 -4.09 0.99
O1 AHR B . -9.41 -3.33 1.78
ZN ZN C . -3.39 -3.28 2.66
#